data_7EJW
#
_entry.id   7EJW
#
_cell.length_a   64.218
_cell.length_b   153.926
_cell.length_c   64.568
_cell.angle_alpha   90.000
_cell.angle_beta   95.030
_cell.angle_gamma   90.000
#
_symmetry.space_group_name_H-M   'P 1 21 1'
#
loop_
_entity.id
_entity.type
_entity.pdbx_description
1 polymer 'Transcriptional antiactivator FleN'
2 polymer 'Transcriptional regulator FleQ'
3 non-polymer 'PHOSPHOTHIOPHOSPHORIC ACID-ADENYLATE ESTER'
4 non-polymer 'MAGNESIUM ION'
5 non-polymer GLYCEROL
6 water water
#
loop_
_entity_poly.entity_id
_entity_poly.type
_entity_poly.pdbx_seq_one_letter_code
_entity_poly.pdbx_strand_id
1 'polypeptide(L)'
;GPLGSMKQMGSMHPVQVIAVTGGKGGVGKTNVSVNLALALADLGRRVMLLDADLGLANVDVLLGLTPKRTLADVIEGRCE
LRDVLLLGPGGVRIVPAASGTQSMVHLSPMQHAGLIQAFSDISDNLDVLVVDTAAGIGDSVVSFVRAAQEVLLVVCDEPT
SITDAYALIKLLNRDHGMTRFRVLANMAHSPQEGRNLFAKLTKVTDRFLDVALQYVGVIPYDESVRKAVQKQRAVYEAFP
RSKASLAFKAVAQKVDSWPLPANPRGHLEFFVERLVQHPATGSAV
;
A,B
2 'polypeptide(L)'
;GPLGSLFRSLVGTSRAIQQVRQMMQQVADTDASVLILGESGTGKEVVARNLHYHSKRREGPFVPVNCGAIPAELLESELF
GHEKGAFTGAITSRAGRFELANGGTLFLDEIGDMPLPMQVKLLRVLQERTFERVGSNKTQNVDVRIIAATHKNLEKMIED
GTFREDLYYRLNVFPIEMAPLRERVEDIALLLNELISRMEHEKRGSIRFNSAAIMSLCRHDWPGNVRELANLVERLAIMH
PYGVIGVGELPKKFRHVDD
;
C,D
#
# COMPACT_ATOMS: atom_id res chain seq x y z
N MET A 12 9.67 30.36 -15.43
CA MET A 12 8.42 31.09 -15.28
C MET A 12 7.77 30.84 -13.90
N HIS A 13 6.44 30.81 -13.88
CA HIS A 13 5.69 30.69 -12.64
C HIS A 13 5.79 29.26 -12.09
N PRO A 14 5.65 29.07 -10.78
CA PRO A 14 5.58 27.71 -10.23
C PRO A 14 4.23 27.07 -10.54
N VAL A 15 4.22 25.75 -10.49
CA VAL A 15 3.02 24.96 -10.68
C VAL A 15 2.42 24.67 -9.31
N GLN A 16 1.13 24.98 -9.15
CA GLN A 16 0.42 24.51 -7.97
C GLN A 16 0.21 23.01 -8.08
N VAL A 17 0.32 22.30 -6.96
CA VAL A 17 0.20 20.86 -6.93
C VAL A 17 -0.64 20.49 -5.72
N ILE A 18 -1.79 19.87 -5.95
CA ILE A 18 -2.78 19.58 -4.92
C ILE A 18 -2.94 18.08 -4.83
N ALA A 19 -2.69 17.53 -3.65
CA ALA A 19 -2.92 16.11 -3.40
C ALA A 19 -4.27 15.97 -2.73
N VAL A 20 -5.19 15.27 -3.40
CA VAL A 20 -6.51 15.01 -2.86
C VAL A 20 -6.46 13.67 -2.15
N THR A 21 -6.73 13.67 -0.85
CA THR A 21 -6.52 12.49 -0.02
C THR A 21 -7.64 12.46 1.03
N GLY A 22 -7.45 11.71 2.10
CA GLY A 22 -8.45 11.63 3.16
C GLY A 22 -8.41 10.33 3.95
N GLY A 23 -7.63 9.37 3.47
CA GLY A 23 -7.49 8.12 4.21
C GLY A 23 -8.63 7.16 4.00
N LYS A 24 -9.83 7.55 4.47
CA LYS A 24 -11.01 6.69 4.40
C LYS A 24 -11.39 6.40 2.95
N GLY A 25 -11.77 5.14 2.69
CA GLY A 25 -12.28 4.80 1.38
C GLY A 25 -13.69 5.28 1.14
N GLY A 26 -13.98 5.59 -0.13
CA GLY A 26 -15.33 5.96 -0.55
C GLY A 26 -15.80 7.34 -0.14
N VAL A 27 -14.94 8.21 0.39
CA VAL A 27 -15.40 9.54 0.77
C VAL A 27 -15.53 10.51 -0.39
N GLY A 28 -15.14 10.11 -1.60
CA GLY A 28 -15.27 10.92 -2.79
C GLY A 28 -13.98 11.51 -3.32
N LYS A 29 -12.81 10.96 -2.95
CA LYS A 29 -11.53 11.51 -3.39
C LYS A 29 -11.47 11.64 -4.91
N THR A 30 -11.81 10.57 -5.63
CA THR A 30 -11.68 10.62 -7.09
C THR A 30 -12.74 11.54 -7.71
N ASN A 31 -13.98 11.49 -7.24
CA ASN A 31 -14.98 12.44 -7.75
C ASN A 31 -14.52 13.89 -7.53
N VAL A 32 -13.91 14.18 -6.37
CA VAL A 32 -13.41 15.54 -6.12
C VAL A 32 -12.24 15.86 -7.05
N SER A 33 -11.26 14.95 -7.17
CA SER A 33 -10.11 15.23 -8.05
C SER A 33 -10.56 15.53 -9.47
N VAL A 34 -11.44 14.68 -10.00
CA VAL A 34 -11.91 14.85 -11.39
C VAL A 34 -12.66 16.17 -11.54
N ASN A 35 -13.65 16.42 -10.68
CA ASN A 35 -14.48 17.58 -10.94
C ASN A 35 -13.80 18.87 -10.54
N LEU A 36 -12.87 18.84 -9.59
CA LEU A 36 -12.04 20.00 -9.34
C LEU A 36 -11.14 20.28 -10.54
N ALA A 37 -10.54 19.25 -11.13
CA ALA A 37 -9.72 19.47 -12.31
C ALA A 37 -10.52 20.10 -13.45
N LEU A 38 -11.73 19.57 -13.72
CA LEU A 38 -12.57 20.16 -14.77
C LEU A 38 -12.97 21.60 -14.44
N ALA A 39 -13.33 21.88 -13.18
CA ALA A 39 -13.72 23.23 -12.81
C ALA A 39 -12.55 24.21 -12.96
N LEU A 40 -11.35 23.78 -12.57
CA LEU A 40 -10.17 24.63 -12.76
C LEU A 40 -9.91 24.88 -14.24
N ALA A 41 -10.12 23.84 -15.07
CA ALA A 41 -9.95 24.03 -16.50
C ALA A 41 -10.96 25.03 -17.03
N ASP A 42 -12.17 25.01 -16.46
CA ASP A 42 -13.23 25.93 -16.87
C ASP A 42 -12.86 27.39 -16.59
N LEU A 43 -12.06 27.63 -15.55
CA LEU A 43 -11.59 28.96 -15.21
C LEU A 43 -10.45 29.43 -16.10
N GLY A 44 -9.98 28.60 -17.03
CA GLY A 44 -8.88 28.97 -17.88
C GLY A 44 -7.53 28.43 -17.50
N ARG A 45 -7.44 27.57 -16.49
CA ARG A 45 -6.16 27.00 -16.10
C ARG A 45 -5.82 25.80 -16.99
N ARG A 46 -4.53 25.66 -17.30
CA ARG A 46 -4.02 24.46 -17.98
C ARG A 46 -3.88 23.38 -16.91
N VAL A 47 -4.69 22.32 -16.95
CA VAL A 47 -4.79 21.37 -15.83
C VAL A 47 -4.21 20.01 -16.20
N MET A 48 -3.44 19.43 -15.28
CA MET A 48 -3.02 18.03 -15.38
C MET A 48 -3.61 17.27 -14.19
N LEU A 49 -4.07 16.05 -14.44
CA LEU A 49 -4.64 15.21 -13.40
C LEU A 49 -3.93 13.85 -13.38
N LEU A 50 -3.26 13.55 -12.28
CA LEU A 50 -2.60 12.27 -12.13
C LEU A 50 -3.49 11.33 -11.31
N ASP A 51 -3.76 10.16 -11.86
CA ASP A 51 -4.40 9.10 -11.09
C ASP A 51 -3.31 8.39 -10.31
N ALA A 52 -3.14 8.73 -9.03
CA ALA A 52 -2.10 8.12 -8.20
C ALA A 52 -2.62 6.91 -7.40
N ASP A 53 -3.78 6.36 -7.77
CA ASP A 53 -4.19 5.02 -7.33
C ASP A 53 -3.62 4.06 -8.37
N LEU A 54 -2.31 3.81 -8.28
CA LEU A 54 -1.51 3.39 -9.43
C LEU A 54 -1.86 1.99 -9.94
N GLY A 55 -2.25 1.08 -9.04
CA GLY A 55 -2.70 -0.24 -9.44
C GLY A 55 -4.20 -0.42 -9.49
N LEU A 56 -4.99 0.61 -9.14
CA LEU A 56 -6.45 0.46 -9.15
C LEU A 56 -7.08 1.72 -9.74
N ALA A 57 -6.76 2.01 -11.00
CA ALA A 57 -7.15 3.25 -11.65
C ALA A 57 -8.66 3.46 -11.61
N ASN A 58 -9.08 4.69 -11.28
CA ASN A 58 -10.50 5.04 -11.32
C ASN A 58 -10.82 6.36 -12.07
N VAL A 59 -9.83 7.23 -12.32
CA VAL A 59 -10.09 8.46 -13.05
C VAL A 59 -10.71 8.14 -14.41
N ASP A 60 -10.08 7.21 -15.14
CA ASP A 60 -10.55 6.85 -16.47
C ASP A 60 -11.95 6.25 -16.39
N VAL A 61 -12.23 5.50 -15.32
CA VAL A 61 -13.53 4.86 -15.15
C VAL A 61 -14.62 5.93 -14.94
N LEU A 62 -14.35 6.89 -14.06
CA LEU A 62 -15.32 7.95 -13.82
C LEU A 62 -15.54 8.79 -15.06
N LEU A 63 -14.53 8.89 -15.93
CA LEU A 63 -14.67 9.68 -17.14
C LEU A 63 -15.08 8.86 -18.37
N GLY A 64 -15.23 7.55 -18.21
CA GLY A 64 -15.66 6.70 -19.31
C GLY A 64 -14.64 6.54 -20.40
N LEU A 65 -13.36 6.67 -20.08
CA LEU A 65 -12.27 6.65 -21.03
C LEU A 65 -11.61 5.29 -21.02
N THR A 66 -11.02 4.93 -22.17
CA THR A 66 -10.27 3.68 -22.31
C THR A 66 -8.89 4.02 -22.86
N PRO A 67 -7.95 4.42 -22.01
CA PRO A 67 -6.64 4.85 -22.50
C PRO A 67 -5.89 3.73 -23.23
N LYS A 68 -5.31 4.10 -24.38
CA LYS A 68 -4.47 3.17 -25.12
C LYS A 68 -3.22 2.79 -24.32
N ARG A 69 -2.68 3.72 -23.55
CA ARG A 69 -1.48 3.52 -22.76
C ARG A 69 -1.74 4.04 -21.36
N THR A 70 -1.08 3.43 -20.39
CA THR A 70 -1.18 3.89 -19.01
C THR A 70 0.21 3.99 -18.41
N LEU A 71 0.28 4.30 -17.12
CA LEU A 71 1.56 4.30 -16.43
C LEU A 71 2.24 2.94 -16.42
N ALA A 72 1.48 1.85 -16.58
CA ALA A 72 2.10 0.54 -16.71
C ALA A 72 3.08 0.51 -17.88
N ASP A 73 2.71 1.15 -18.99
CA ASP A 73 3.58 1.23 -20.17
C ASP A 73 4.86 2.01 -19.88
N VAL A 74 4.80 3.00 -18.98
CA VAL A 74 6.00 3.74 -18.60
C VAL A 74 6.89 2.92 -17.69
N ILE A 75 6.30 2.36 -16.63
CA ILE A 75 7.05 1.56 -15.67
C ILE A 75 7.74 0.40 -16.36
N GLU A 76 7.07 -0.20 -17.34
CA GLU A 76 7.61 -1.36 -18.04
C GLU A 76 8.49 -0.97 -19.23
N GLY A 77 8.80 0.31 -19.40
CA GLY A 77 9.78 0.75 -20.38
C GLY A 77 9.31 0.76 -21.81
N ARG A 78 8.01 0.67 -22.07
CA ARG A 78 7.51 0.73 -23.44
C ARG A 78 7.34 2.15 -23.96
N CYS A 79 7.15 3.14 -23.10
CA CYS A 79 7.06 4.52 -23.60
C CYS A 79 7.50 5.47 -22.49
N GLU A 80 7.52 6.76 -22.81
CA GLU A 80 7.84 7.76 -21.80
C GLU A 80 6.55 8.30 -21.17
N LEU A 81 6.74 8.95 -20.03
CA LEU A 81 5.61 9.57 -19.33
C LEU A 81 4.81 10.49 -20.25
N ARG A 82 5.50 11.33 -21.04
CA ARG A 82 4.81 12.25 -21.96
C ARG A 82 3.87 11.50 -22.89
N ASP A 83 4.25 10.28 -23.28
CA ASP A 83 3.45 9.54 -24.23
C ASP A 83 2.12 9.05 -23.65
N VAL A 84 1.89 9.10 -22.33
CA VAL A 84 0.63 8.54 -21.84
C VAL A 84 -0.39 9.62 -21.47
N LEU A 85 -0.01 10.89 -21.59
CA LEU A 85 -0.95 11.97 -21.33
C LEU A 85 -2.16 11.86 -22.25
N LEU A 86 -3.34 11.92 -21.66
CA LEU A 86 -4.60 11.69 -22.33
C LEU A 86 -5.45 12.95 -22.23
N LEU A 87 -5.94 13.46 -23.37
CA LEU A 87 -6.73 14.68 -23.38
C LEU A 87 -8.15 14.36 -22.93
N GLY A 88 -8.54 14.87 -21.77
CA GLY A 88 -9.86 14.61 -21.24
C GLY A 88 -10.80 15.78 -21.41
N PRO A 89 -11.95 15.72 -20.74
CA PRO A 89 -12.93 16.80 -20.84
C PRO A 89 -12.34 18.14 -20.43
N GLY A 90 -12.81 19.19 -21.11
CA GLY A 90 -12.39 20.54 -20.83
C GLY A 90 -10.93 20.78 -21.11
N GLY A 91 -10.28 19.83 -21.78
CA GLY A 91 -8.85 19.95 -22.02
C GLY A 91 -7.97 19.53 -20.86
N VAL A 92 -8.54 18.97 -19.77
CA VAL A 92 -7.72 18.43 -18.69
C VAL A 92 -6.84 17.30 -19.24
N ARG A 93 -5.55 17.34 -18.93
CA ARG A 93 -4.64 16.29 -19.36
C ARG A 93 -4.42 15.27 -18.24
N ILE A 94 -4.67 14.01 -18.54
CA ILE A 94 -4.75 12.95 -17.56
C ILE A 94 -3.54 12.04 -17.69
N VAL A 95 -2.93 11.68 -16.57
CA VAL A 95 -1.91 10.64 -16.52
C VAL A 95 -2.61 9.41 -15.95
N PRO A 96 -3.06 8.47 -16.79
CA PRO A 96 -3.89 7.37 -16.29
C PRO A 96 -3.09 6.29 -15.59
N ALA A 97 -3.69 5.75 -14.54
CA ALA A 97 -3.07 4.66 -13.81
C ALA A 97 -3.47 3.33 -14.46
N ALA A 98 -3.04 2.23 -13.83
CA ALA A 98 -3.33 0.88 -14.31
C ALA A 98 -4.37 0.25 -13.40
N SER A 99 -4.99 -0.83 -13.89
CA SER A 99 -6.02 -1.55 -13.12
C SER A 99 -5.58 -3.01 -12.99
N GLY A 100 -4.99 -3.37 -11.85
CA GLY A 100 -4.60 -4.74 -11.60
C GLY A 100 -3.36 -5.23 -12.34
N THR A 101 -2.68 -4.36 -13.08
CA THR A 101 -1.50 -4.76 -13.82
C THR A 101 -0.38 -5.18 -12.87
N GLN A 102 0.24 -6.32 -13.14
CA GLN A 102 1.23 -6.87 -12.22
C GLN A 102 2.39 -5.89 -11.95
N SER A 103 2.80 -5.11 -12.95
CA SER A 103 3.91 -4.18 -12.73
C SER A 103 3.54 -3.00 -11.83
N MET A 104 2.25 -2.77 -11.57
CA MET A 104 1.80 -1.56 -10.90
C MET A 104 1.20 -1.78 -9.52
N VAL A 105 1.12 -3.02 -9.03
CA VAL A 105 0.35 -3.28 -7.82
C VAL A 105 1.20 -3.35 -6.57
N HIS A 106 2.53 -3.43 -6.71
CA HIS A 106 3.41 -3.31 -5.56
C HIS A 106 4.67 -2.57 -6.02
N LEU A 107 4.48 -1.28 -6.31
CA LEU A 107 5.61 -0.40 -6.61
C LEU A 107 6.37 -0.08 -5.32
N SER A 108 7.69 -0.06 -5.42
CA SER A 108 8.54 0.23 -4.28
C SER A 108 8.57 1.73 -4.02
N PRO A 109 9.09 2.14 -2.84
CA PRO A 109 9.35 3.58 -2.63
C PRO A 109 10.28 4.18 -3.68
N MET A 110 11.30 3.46 -4.12
CA MET A 110 12.17 3.98 -5.17
C MET A 110 11.43 4.15 -6.50
N GLN A 111 10.44 3.30 -6.77
CA GLN A 111 9.65 3.45 -8.00
C GLN A 111 8.72 4.66 -7.90
N HIS A 112 8.06 4.85 -6.74
CA HIS A 112 7.29 6.07 -6.53
C HIS A 112 8.17 7.31 -6.71
N ALA A 113 9.39 7.28 -6.15
CA ALA A 113 10.27 8.44 -6.24
C ALA A 113 10.72 8.69 -7.67
N GLY A 114 11.12 7.63 -8.38
CA GLY A 114 11.47 7.80 -9.78
C GLY A 114 10.33 8.36 -10.61
N LEU A 115 9.10 7.99 -10.27
CA LEU A 115 7.96 8.50 -11.03
C LEU A 115 7.73 9.98 -10.73
N ILE A 116 7.77 10.35 -9.45
CA ILE A 116 7.61 11.73 -9.07
C ILE A 116 8.70 12.58 -9.72
N GLN A 117 9.94 12.09 -9.71
CA GLN A 117 11.04 12.76 -10.38
C GLN A 117 10.77 12.91 -11.87
N ALA A 118 10.22 11.86 -12.49
CA ALA A 118 9.96 11.88 -13.94
C ALA A 118 9.02 12.99 -14.33
N PHE A 119 8.10 13.37 -13.44
CA PHE A 119 7.20 14.48 -13.77
C PHE A 119 7.97 15.77 -14.12
N SER A 120 9.24 15.92 -13.70
CA SER A 120 10.00 17.09 -14.15
C SER A 120 10.00 17.26 -15.66
N ASP A 121 9.91 16.15 -16.41
CA ASP A 121 9.81 16.27 -17.86
C ASP A 121 8.61 17.07 -18.36
N ILE A 122 7.82 17.71 -17.46
CA ILE A 122 6.62 18.50 -17.82
C ILE A 122 6.69 19.98 -17.38
N SER A 123 6.42 20.97 -18.35
CA SER A 123 6.45 22.46 -18.25
C SER A 123 5.26 23.20 -18.93
N ASP A 124 4.08 22.58 -19.06
CA ASP A 124 2.99 23.19 -19.83
C ASP A 124 1.68 23.21 -19.03
N ASN A 125 1.76 23.45 -17.73
CA ASN A 125 0.58 23.46 -16.86
C ASN A 125 0.73 24.55 -15.79
N LEU A 126 -0.40 25.07 -15.30
CA LEU A 126 -0.37 26.08 -14.23
C LEU A 126 -1.34 25.74 -13.14
N ASP A 127 -0.85 25.57 -11.92
CA ASP A 127 -1.75 25.47 -10.78
C ASP A 127 -2.52 24.17 -10.84
N VAL A 128 -1.86 23.15 -11.35
CA VAL A 128 -2.59 22.02 -11.88
C VAL A 128 -1.65 20.89 -12.05
N LEU A 129 -1.16 20.41 -10.97
CA LEU A 129 -1.13 18.99 -10.89
C LEU A 129 -2.13 18.73 -9.80
N VAL A 130 -3.28 18.15 -10.16
CA VAL A 130 -4.19 17.55 -9.20
C VAL A 130 -3.80 16.08 -9.09
N VAL A 131 -3.49 15.63 -7.87
CA VAL A 131 -3.08 14.24 -7.64
C VAL A 131 -4.20 13.55 -6.85
N ASP A 132 -4.84 12.56 -7.49
CA ASP A 132 -5.87 11.74 -6.86
C ASP A 132 -5.20 10.56 -6.16
N THR A 133 -5.17 10.58 -4.83
CA THR A 133 -4.44 9.54 -4.13
C THR A 133 -5.32 8.35 -3.81
N ALA A 134 -4.68 7.23 -3.54
CA ALA A 134 -5.39 6.03 -3.15
C ALA A 134 -5.94 6.18 -1.73
N ALA A 135 -6.86 5.28 -1.38
CA ALA A 135 -7.26 5.12 0.02
C ALA A 135 -6.06 4.75 0.88
N GLY A 136 -6.13 5.07 2.16
CA GLY A 136 -5.15 4.59 3.11
C GLY A 136 -4.12 5.65 3.45
N ILE A 137 -3.12 5.24 4.21
CA ILE A 137 -2.05 6.13 4.62
C ILE A 137 -0.68 5.50 4.43
N GLY A 138 -0.58 4.54 3.51
CA GLY A 138 0.69 3.91 3.19
C GLY A 138 1.60 4.79 2.32
N ASP A 139 2.72 4.19 1.88
CA ASP A 139 3.77 4.98 1.23
C ASP A 139 3.33 5.59 -0.09
N SER A 140 2.53 4.90 -0.89
CA SER A 140 2.11 5.56 -2.13
C SER A 140 1.41 6.87 -1.81
N VAL A 141 0.43 6.81 -0.90
CA VAL A 141 -0.32 8.01 -0.49
C VAL A 141 0.62 9.06 0.06
N VAL A 142 1.41 8.70 1.07
CA VAL A 142 2.20 9.70 1.78
C VAL A 142 3.24 10.33 0.87
N SER A 143 3.87 9.55 0.00
CA SER A 143 4.88 10.15 -0.89
C SER A 143 4.25 11.15 -1.85
N PHE A 144 3.08 10.85 -2.40
CA PHE A 144 2.44 11.84 -3.28
C PHE A 144 1.95 13.04 -2.49
N VAL A 145 1.44 12.82 -1.27
CA VAL A 145 0.96 13.93 -0.45
C VAL A 145 2.11 14.85 -0.06
N ARG A 146 3.26 14.28 0.28
CA ARG A 146 4.41 15.11 0.63
C ARG A 146 4.98 15.81 -0.59
N ALA A 147 4.88 15.19 -1.77
CA ALA A 147 5.42 15.81 -2.97
C ALA A 147 4.56 16.95 -3.47
N ALA A 148 3.32 17.06 -3.00
CA ALA A 148 2.43 18.12 -3.44
C ALA A 148 2.64 19.35 -2.58
N GLN A 149 2.04 20.46 -3.01
CA GLN A 149 2.17 21.72 -2.30
C GLN A 149 1.01 21.99 -1.36
N GLU A 150 -0.19 21.54 -1.73
CA GLU A 150 -1.41 21.65 -0.92
C GLU A 150 -1.95 20.25 -0.65
N VAL A 151 -2.35 19.99 0.60
CA VAL A 151 -2.97 18.71 0.96
C VAL A 151 -4.45 18.98 1.18
N LEU A 152 -5.31 18.37 0.36
CA LEU A 152 -6.76 18.54 0.49
C LEU A 152 -7.35 17.23 0.98
N LEU A 153 -7.79 17.22 2.24
CA LEU A 153 -8.45 16.06 2.83
C LEU A 153 -9.93 16.15 2.54
N VAL A 154 -10.47 15.11 1.93
CA VAL A 154 -11.90 14.97 1.73
C VAL A 154 -12.45 14.17 2.90
N VAL A 155 -13.45 14.73 3.57
CA VAL A 155 -14.00 14.13 4.78
C VAL A 155 -15.52 14.10 4.65
N CYS A 156 -16.12 13.04 5.19
CA CYS A 156 -17.57 12.87 5.31
C CYS A 156 -17.95 12.76 6.79
N ASP A 157 -19.23 12.97 7.06
CA ASP A 157 -19.72 13.08 8.43
C ASP A 157 -20.13 11.69 8.97
N GLU A 158 -19.11 10.83 9.10
CA GLU A 158 -19.22 9.54 9.75
C GLU A 158 -17.99 9.32 10.61
N PRO A 159 -18.12 8.60 11.72
CA PRO A 159 -16.98 8.42 12.65
C PRO A 159 -15.75 7.84 11.99
N THR A 160 -15.92 6.96 11.00
CA THR A 160 -14.77 6.32 10.38
C THR A 160 -13.97 7.29 9.51
N SER A 161 -14.66 8.16 8.77
CA SER A 161 -13.96 9.18 7.97
C SER A 161 -13.24 10.16 8.87
N ILE A 162 -13.92 10.65 9.91
CA ILE A 162 -13.27 11.55 10.85
C ILE A 162 -12.05 10.90 11.48
N THR A 163 -12.18 9.63 11.90
CA THR A 163 -11.05 8.94 12.53
C THR A 163 -9.89 8.78 11.55
N ASP A 164 -10.18 8.42 10.29
CA ASP A 164 -9.11 8.19 9.33
C ASP A 164 -8.44 9.49 8.89
N ALA A 165 -9.22 10.56 8.71
CA ALA A 165 -8.63 11.85 8.38
C ALA A 165 -7.75 12.33 9.51
N TYR A 166 -8.22 12.18 10.75
CA TYR A 166 -7.38 12.53 11.89
C TYR A 166 -6.08 11.76 11.87
N ALA A 167 -6.16 10.43 11.68
CA ALA A 167 -4.95 9.61 11.68
C ALA A 167 -3.98 10.04 10.58
N LEU A 168 -4.49 10.45 9.42
CA LEU A 168 -3.60 10.92 8.36
C LEU A 168 -2.95 12.25 8.74
N ILE A 169 -3.74 13.21 9.22
CA ILE A 169 -3.16 14.46 9.70
C ILE A 169 -2.11 14.19 10.76
N LYS A 170 -2.40 13.28 11.69
CA LYS A 170 -1.48 12.98 12.78
C LYS A 170 -0.20 12.33 12.27
N LEU A 171 -0.30 11.40 11.32
CA LEU A 171 0.91 10.82 10.74
C LEU A 171 1.76 11.89 10.03
N LEU A 172 1.12 12.70 9.19
CA LEU A 172 1.88 13.71 8.45
C LEU A 172 2.55 14.70 9.40
N ASN A 173 1.85 15.11 10.46
CA ASN A 173 2.43 16.01 11.45
C ASN A 173 3.54 15.34 12.25
N ARG A 174 3.27 14.15 12.81
CA ARG A 174 4.22 13.46 13.68
C ARG A 174 5.47 13.04 12.94
N ASP A 175 5.32 12.44 11.77
CA ASP A 175 6.45 11.83 11.08
C ASP A 175 7.08 12.75 10.05
N HIS A 176 6.40 13.82 9.63
CA HIS A 176 6.95 14.66 8.58
C HIS A 176 6.84 16.15 8.88
N GLY A 177 6.37 16.55 10.07
CA GLY A 177 6.38 17.94 10.46
C GLY A 177 5.39 18.82 9.75
N MET A 178 4.45 18.22 9.02
CA MET A 178 3.47 18.98 8.27
C MET A 178 2.42 19.60 9.21
N THR A 179 2.07 20.85 8.97
CA THR A 179 1.14 21.56 9.85
C THR A 179 -0.07 22.15 9.14
N ARG A 180 -0.02 22.40 7.84
CA ARG A 180 -1.11 23.07 7.16
C ARG A 180 -1.86 22.08 6.27
N PHE A 181 -3.19 22.04 6.44
CA PHE A 181 -4.02 21.05 5.76
C PHE A 181 -5.33 21.73 5.34
N ARG A 182 -5.75 21.49 4.11
CA ARG A 182 -7.03 21.93 3.61
C ARG A 182 -8.07 20.84 3.83
N VAL A 183 -9.29 21.23 4.21
CA VAL A 183 -10.34 20.27 4.52
C VAL A 183 -11.57 20.58 3.68
N LEU A 184 -12.05 19.58 2.94
CA LEU A 184 -13.24 19.71 2.13
C LEU A 184 -14.27 18.68 2.61
N ALA A 185 -15.44 19.16 3.02
CA ALA A 185 -16.54 18.26 3.40
C ALA A 185 -17.28 17.82 2.14
N ASN A 186 -17.43 16.51 1.96
CA ASN A 186 -18.13 15.98 0.80
C ASN A 186 -19.36 15.18 1.24
N MET A 187 -20.35 15.09 0.35
CA MET A 187 -21.60 14.38 0.62
C MET A 187 -22.33 14.95 1.84
N ALA A 188 -22.17 16.25 2.08
CA ALA A 188 -22.83 16.84 3.22
C ALA A 188 -24.28 17.14 2.86
N HIS A 189 -25.19 16.83 3.79
CA HIS A 189 -26.61 16.97 3.49
C HIS A 189 -27.11 18.41 3.65
N SER A 190 -26.25 19.30 4.11
CA SER A 190 -26.51 20.73 4.11
C SER A 190 -25.18 21.46 4.31
N PRO A 191 -25.11 22.75 3.98
CA PRO A 191 -23.85 23.46 4.24
C PRO A 191 -23.50 23.52 5.72
N GLN A 192 -24.52 23.68 6.59
CA GLN A 192 -24.22 23.72 8.01
C GLN A 192 -23.70 22.39 8.52
N GLU A 193 -24.15 21.27 7.93
CA GLU A 193 -23.59 19.97 8.31
C GLU A 193 -22.09 19.91 7.99
N GLY A 194 -21.67 20.45 6.84
CA GLY A 194 -20.27 20.42 6.51
C GLY A 194 -19.44 21.29 7.42
N ARG A 195 -20.00 22.45 7.81
CA ARG A 195 -19.29 23.30 8.75
C ARG A 195 -19.15 22.63 10.11
N ASN A 196 -20.23 22.00 10.59
CA ASN A 196 -20.17 21.22 11.84
C ASN A 196 -19.17 20.07 11.76
N LEU A 197 -19.04 19.45 10.58
CA LEU A 197 -18.07 18.39 10.40
C LEU A 197 -16.65 18.91 10.58
N PHE A 198 -16.35 20.04 9.92
CA PHE A 198 -15.05 20.65 10.09
C PHE A 198 -14.76 20.90 11.56
N ALA A 199 -15.78 21.37 12.29
CA ALA A 199 -15.64 21.60 13.73
C ALA A 199 -15.38 20.31 14.52
N LYS A 200 -16.03 19.21 14.15
CA LYS A 200 -15.73 17.94 14.82
C LYS A 200 -14.26 17.55 14.66
N LEU A 201 -13.77 17.66 13.42
CA LEU A 201 -12.37 17.32 13.16
C LEU A 201 -11.42 18.24 13.91
N THR A 202 -11.69 19.55 13.88
CA THR A 202 -10.81 20.48 14.60
C THR A 202 -10.94 20.34 16.11
N LYS A 203 -12.07 19.86 16.63
CA LYS A 203 -12.11 19.58 18.06
C LYS A 203 -11.06 18.54 18.42
N VAL A 204 -10.99 17.46 17.62
CA VAL A 204 -9.95 16.46 17.87
C VAL A 204 -8.53 17.04 17.67
N THR A 205 -8.29 17.68 16.52
CA THR A 205 -6.92 18.12 16.23
C THR A 205 -6.47 19.23 17.20
N ASP A 206 -7.36 20.12 17.60
CA ASP A 206 -7.02 21.11 18.62
C ASP A 206 -6.63 20.43 19.92
N ARG A 207 -7.39 19.40 20.33
CA ARG A 207 -7.04 18.78 21.60
C ARG A 207 -5.66 18.14 21.55
N PHE A 208 -5.32 17.45 20.46
CA PHE A 208 -4.14 16.61 20.50
C PHE A 208 -2.92 17.11 19.73
N LEU A 209 -3.08 18.06 18.81
CA LEU A 209 -2.00 18.42 17.90
C LEU A 209 -1.85 19.93 17.86
N ASP A 210 -0.79 20.38 17.17
CA ASP A 210 -0.54 21.79 16.84
C ASP A 210 -0.52 21.89 15.32
N VAL A 211 -1.71 21.98 14.72
CA VAL A 211 -1.83 21.98 13.26
C VAL A 211 -2.77 23.09 12.84
N ALA A 212 -2.65 23.49 11.58
CA ALA A 212 -3.45 24.54 10.99
C ALA A 212 -4.37 23.93 9.92
N LEU A 213 -5.62 23.71 10.30
CA LEU A 213 -6.65 23.21 9.40
C LEU A 213 -7.43 24.38 8.78
N GLN A 214 -7.59 24.35 7.45
CA GLN A 214 -8.31 25.38 6.73
C GLN A 214 -9.54 24.76 6.07
N TYR A 215 -10.71 25.28 6.40
CA TYR A 215 -11.96 24.80 5.82
C TYR A 215 -12.16 25.37 4.42
N VAL A 216 -12.24 24.49 3.42
CA VAL A 216 -12.42 24.92 2.03
C VAL A 216 -13.88 25.14 1.73
N GLY A 217 -14.75 24.41 2.39
CA GLY A 217 -16.16 24.42 2.09
C GLY A 217 -16.67 23.00 1.90
N VAL A 218 -17.77 22.90 1.18
CA VAL A 218 -18.58 21.70 1.14
C VAL A 218 -18.90 21.38 -0.31
N ILE A 219 -18.91 20.09 -0.64
CA ILE A 219 -19.63 19.58 -1.81
C ILE A 219 -20.90 18.89 -1.29
N PRO A 220 -22.09 19.34 -1.66
CA PRO A 220 -23.30 18.70 -1.14
C PRO A 220 -23.44 17.27 -1.64
N TYR A 221 -24.10 16.44 -0.81
CA TYR A 221 -24.72 15.23 -1.32
C TYR A 221 -25.68 15.58 -2.44
N ASP A 222 -25.56 14.92 -3.58
CA ASP A 222 -26.34 15.28 -4.76
C ASP A 222 -26.56 14.04 -5.61
N GLU A 223 -27.83 13.72 -5.85
CA GLU A 223 -28.18 12.62 -6.74
C GLU A 223 -27.50 12.71 -8.10
N SER A 224 -27.20 13.93 -8.57
CA SER A 224 -26.59 14.10 -9.88
C SER A 224 -25.19 13.48 -9.93
N VAL A 225 -24.48 13.48 -8.81
CA VAL A 225 -23.20 12.78 -8.76
C VAL A 225 -23.41 11.28 -8.96
N ARG A 226 -24.44 10.72 -8.32
CA ARG A 226 -24.68 9.28 -8.46
C ARG A 226 -25.05 8.94 -9.89
N LYS A 227 -25.90 9.76 -10.51
CA LYS A 227 -26.24 9.57 -11.92
C LYS A 227 -24.99 9.69 -12.81
N ALA A 228 -24.14 10.69 -12.54
CA ALA A 228 -22.95 10.89 -13.34
C ALA A 228 -22.02 9.70 -13.24
N VAL A 229 -21.84 9.15 -12.03
CA VAL A 229 -20.99 7.99 -11.86
C VAL A 229 -21.56 6.82 -12.68
N GLN A 230 -22.87 6.62 -12.64
CA GLN A 230 -23.49 5.58 -13.49
C GLN A 230 -23.18 5.81 -14.96
N LYS A 231 -23.25 7.05 -15.41
CA LYS A 231 -23.01 7.32 -16.84
C LYS A 231 -21.53 7.37 -17.19
N GLN A 232 -20.63 7.35 -16.21
CA GLN A 232 -19.20 7.53 -16.41
C GLN A 232 -18.92 8.86 -17.13
N ARG A 233 -19.55 9.90 -16.63
CA ARG A 233 -19.21 11.26 -17.00
C ARG A 233 -19.08 12.07 -15.72
N ALA A 234 -18.21 13.07 -15.77
CA ALA A 234 -18.03 13.97 -14.64
C ALA A 234 -19.32 14.74 -14.39
N VAL A 235 -19.75 14.81 -13.12
CA VAL A 235 -20.96 15.55 -12.78
C VAL A 235 -20.86 17.00 -13.25
N TYR A 236 -19.66 17.59 -13.15
CA TYR A 236 -19.45 18.98 -13.58
C TYR A 236 -19.83 19.19 -15.05
N GLU A 237 -19.59 18.18 -15.88
CA GLU A 237 -19.91 18.29 -17.30
C GLU A 237 -21.31 17.77 -17.61
N ALA A 238 -21.71 16.64 -17.01
CA ALA A 238 -22.99 16.03 -17.34
C ALA A 238 -24.16 16.74 -16.72
N PHE A 239 -23.96 17.37 -15.55
CA PHE A 239 -25.01 18.07 -14.82
C PHE A 239 -24.48 19.45 -14.43
N PRO A 240 -24.27 20.33 -15.41
CA PRO A 240 -23.54 21.58 -15.13
C PRO A 240 -24.22 22.48 -14.13
N ARG A 241 -25.54 22.37 -13.96
CA ARG A 241 -26.29 23.27 -13.09
C ARG A 241 -26.75 22.61 -11.80
N SER A 242 -26.37 21.36 -11.53
CA SER A 242 -26.67 20.77 -10.24
C SER A 242 -25.92 21.48 -9.13
N LYS A 243 -26.44 21.37 -7.92
CA LYS A 243 -25.80 22.05 -6.79
C LYS A 243 -24.38 21.56 -6.55
N ALA A 244 -24.12 20.27 -6.77
CA ALA A 244 -22.74 19.78 -6.63
C ALA A 244 -21.82 20.44 -7.64
N SER A 245 -22.26 20.61 -8.89
CA SER A 245 -21.38 21.24 -9.89
C SER A 245 -21.14 22.71 -9.57
N LEU A 246 -22.16 23.40 -9.04
CA LEU A 246 -21.96 24.79 -8.66
C LEU A 246 -20.99 24.89 -7.49
N ALA A 247 -21.08 23.95 -6.54
CA ALA A 247 -20.14 23.91 -5.43
C ALA A 247 -18.72 23.61 -5.90
N PHE A 248 -18.57 22.77 -6.92
CA PHE A 248 -17.24 22.53 -7.48
C PHE A 248 -16.69 23.78 -8.15
N LYS A 249 -17.53 24.52 -8.88
CA LYS A 249 -17.08 25.79 -9.43
C LYS A 249 -16.57 26.71 -8.31
N ALA A 250 -17.32 26.79 -7.21
CA ALA A 250 -16.91 27.65 -6.10
C ALA A 250 -15.59 27.20 -5.48
N VAL A 251 -15.44 25.89 -5.30
CA VAL A 251 -14.20 25.37 -4.70
C VAL A 251 -13.02 25.64 -5.62
N ALA A 252 -13.23 25.51 -6.93
CA ALA A 252 -12.15 25.80 -7.86
C ALA A 252 -11.73 27.26 -7.79
N GLN A 253 -12.70 28.17 -7.62
CA GLN A 253 -12.33 29.57 -7.49
C GLN A 253 -11.49 29.80 -6.23
N LYS A 254 -11.91 29.18 -5.11
CA LYS A 254 -11.11 29.26 -3.90
C LYS A 254 -9.70 28.68 -4.10
N VAL A 255 -9.62 27.49 -4.68
CA VAL A 255 -8.33 26.85 -4.93
C VAL A 255 -7.45 27.75 -5.78
N ASP A 256 -8.04 28.34 -6.82
CA ASP A 256 -7.31 29.19 -7.75
C ASP A 256 -6.81 30.44 -7.06
N SER A 257 -7.41 30.83 -5.94
CA SER A 257 -6.92 31.96 -5.17
C SER A 257 -5.89 31.58 -4.11
N TRP A 258 -5.55 30.31 -3.96
CA TRP A 258 -4.59 29.90 -2.95
C TRP A 258 -3.20 30.41 -3.32
N PRO A 259 -2.40 30.80 -2.34
CA PRO A 259 -1.05 31.29 -2.66
C PRO A 259 -0.21 30.24 -3.36
N LEU A 260 0.57 30.71 -4.33
CA LEU A 260 1.44 29.83 -5.10
C LEU A 260 2.63 29.38 -4.26
N PRO A 261 3.19 28.21 -4.55
CA PRO A 261 4.41 27.79 -3.85
C PRO A 261 5.57 28.74 -4.12
N ALA A 262 6.34 29.05 -3.09
CA ALA A 262 7.43 30.02 -3.21
C ALA A 262 8.79 29.38 -3.46
N ASN A 263 9.20 28.41 -2.64
CA ASN A 263 10.55 27.87 -2.61
C ASN A 263 10.50 26.36 -2.57
N PRO A 264 11.58 25.69 -3.01
CA PRO A 264 11.65 24.26 -2.76
C PRO A 264 11.82 24.00 -1.28
N ARG A 265 11.16 22.98 -0.79
CA ARG A 265 11.46 22.41 0.51
C ARG A 265 12.54 21.37 0.29
N GLY A 266 13.17 20.93 1.35
CA GLY A 266 14.31 20.11 0.92
C GLY A 266 14.08 18.68 0.50
N HIS A 267 12.84 18.21 0.32
CA HIS A 267 12.55 16.79 0.13
C HIS A 267 12.08 16.51 -1.31
N LEU A 268 11.70 15.27 -1.57
CA LEU A 268 11.18 14.91 -2.89
C LEU A 268 9.83 15.57 -3.14
N GLU A 269 9.75 16.40 -4.18
CA GLU A 269 8.48 17.06 -4.50
C GLU A 269 8.41 17.26 -6.02
N PHE A 270 7.18 17.39 -6.52
CA PHE A 270 6.97 17.59 -7.95
C PHE A 270 7.58 18.89 -8.42
N PHE A 271 8.25 18.83 -9.57
CA PHE A 271 8.62 20.04 -10.31
C PHE A 271 9.60 20.90 -9.53
N VAL A 272 10.50 20.27 -8.77
CA VAL A 272 11.40 21.04 -7.92
C VAL A 272 12.25 22.02 -8.73
N GLU A 273 12.59 21.67 -9.98
CA GLU A 273 13.47 22.57 -10.73
C GLU A 273 12.79 23.90 -11.05
N ARG A 274 11.46 23.94 -11.08
CA ARG A 274 10.76 25.19 -11.26
C ARG A 274 10.60 25.96 -9.96
N LEU A 275 10.63 25.29 -8.82
CA LEU A 275 10.58 25.97 -7.54
C LEU A 275 11.85 26.79 -7.28
N VAL A 276 12.98 26.37 -7.87
CA VAL A 276 14.24 27.05 -7.62
C VAL A 276 14.21 28.49 -8.17
N GLN A 277 13.39 28.72 -9.20
CA GLN A 277 13.24 30.05 -9.79
C GLN A 277 14.58 30.56 -10.32
N HIS A 278 15.18 29.78 -11.23
CA HIS A 278 16.43 30.19 -11.86
C HIS A 278 16.37 29.63 -13.27
N PRO A 279 16.58 30.46 -14.30
CA PRO A 279 16.42 30.00 -15.69
C PRO A 279 17.25 28.77 -16.06
N ALA A 280 18.54 28.74 -15.69
CA ALA A 280 19.35 27.60 -16.09
C ALA A 280 18.95 26.34 -15.34
N THR A 281 18.53 26.49 -14.07
CA THR A 281 18.00 25.35 -13.33
C THR A 281 16.71 24.84 -13.96
N GLY A 282 15.78 25.75 -14.26
CA GLY A 282 14.53 25.34 -14.88
C GLY A 282 14.75 24.69 -16.24
N SER A 283 15.78 25.14 -16.97
CA SER A 283 16.12 24.57 -18.27
C SER A 283 16.80 23.22 -18.16
N ALA A 284 17.45 22.95 -17.02
CA ALA A 284 18.33 21.79 -16.92
C ALA A 284 17.56 20.47 -16.81
N VAL A 285 16.30 20.50 -16.38
CA VAL A 285 15.51 19.26 -16.29
C VAL A 285 14.02 19.59 -16.34
N HIS B 13 -13.11 -29.74 12.09
CA HIS B 13 -11.82 -29.51 12.72
C HIS B 13 -11.04 -28.30 12.16
N PRO B 14 -10.96 -28.13 10.84
CA PRO B 14 -10.30 -26.92 10.32
C PRO B 14 -11.11 -25.68 10.63
N VAL B 15 -10.43 -24.54 10.68
CA VAL B 15 -11.07 -23.25 10.88
C VAL B 15 -11.41 -22.66 9.53
N GLN B 16 -12.67 -22.30 9.31
CA GLN B 16 -13.03 -21.52 8.15
C GLN B 16 -12.42 -20.13 8.29
N VAL B 17 -11.79 -19.63 7.23
CA VAL B 17 -11.24 -18.27 7.20
C VAL B 17 -11.79 -17.57 5.97
N ILE B 18 -12.42 -16.42 6.18
CA ILE B 18 -13.06 -15.64 5.14
C ILE B 18 -12.40 -14.27 5.09
N ALA B 19 -11.81 -13.91 3.95
CA ALA B 19 -11.27 -12.57 3.76
C ALA B 19 -12.33 -11.74 3.07
N VAL B 20 -12.77 -10.68 3.72
CA VAL B 20 -13.74 -9.75 3.15
C VAL B 20 -12.97 -8.61 2.49
N THR B 21 -13.19 -8.45 1.19
CA THR B 21 -12.35 -7.58 0.40
C THR B 21 -13.22 -6.99 -0.70
N GLY B 22 -12.59 -6.55 -1.80
CA GLY B 22 -13.34 -5.97 -2.90
C GLY B 22 -12.60 -4.85 -3.62
N GLY B 23 -11.45 -4.43 -3.10
CA GLY B 23 -10.63 -3.42 -3.76
C GLY B 23 -11.10 -1.97 -3.61
N LYS B 24 -12.32 -1.68 -4.07
CA LYS B 24 -12.86 -0.32 -4.06
C LYS B 24 -13.13 0.16 -2.64
N GLY B 25 -12.78 1.42 -2.36
CA GLY B 25 -13.07 1.98 -1.04
C GLY B 25 -14.54 2.36 -0.87
N GLY B 26 -15.05 2.17 0.34
CA GLY B 26 -16.38 2.64 0.66
C GLY B 26 -17.54 1.74 0.22
N VAL B 27 -17.27 0.53 -0.25
CA VAL B 27 -18.36 -0.35 -0.69
C VAL B 27 -19.03 -1.11 0.45
N GLY B 28 -18.48 -1.02 1.66
CA GLY B 28 -19.03 -1.66 2.84
C GLY B 28 -18.24 -2.86 3.40
N LYS B 29 -16.94 -2.98 3.09
CA LYS B 29 -16.16 -4.11 3.56
C LYS B 29 -16.22 -4.25 5.08
N THR B 30 -15.99 -3.16 5.83
CA THR B 30 -15.96 -3.30 7.27
C THR B 30 -17.35 -3.55 7.84
N ASN B 31 -18.36 -2.87 7.30
CA ASN B 31 -19.72 -3.14 7.75
C ASN B 31 -20.09 -4.61 7.53
N VAL B 32 -19.71 -5.16 6.37
CA VAL B 32 -19.97 -6.57 6.06
C VAL B 32 -19.21 -7.46 7.02
N SER B 33 -17.91 -7.20 7.23
CA SER B 33 -17.11 -8.05 8.13
C SER B 33 -17.71 -8.08 9.53
N VAL B 34 -18.05 -6.91 10.06
CA VAL B 34 -18.58 -6.79 11.41
C VAL B 34 -19.91 -7.54 11.51
N ASN B 35 -20.83 -7.28 10.59
CA ASN B 35 -22.17 -7.80 10.76
C ASN B 35 -22.30 -9.24 10.32
N LEU B 36 -21.45 -9.70 9.40
CA LEU B 36 -21.39 -11.11 9.08
C LEU B 36 -20.83 -11.89 10.25
N ALA B 37 -19.78 -11.37 10.89
CA ALA B 37 -19.26 -12.00 12.09
C ALA B 37 -20.36 -12.14 13.15
N LEU B 38 -21.11 -11.06 13.39
CA LEU B 38 -22.19 -11.12 14.37
C LEU B 38 -23.28 -12.12 13.96
N ALA B 39 -23.66 -12.12 12.68
CA ALA B 39 -24.71 -13.02 12.23
C ALA B 39 -24.27 -14.49 12.34
N LEU B 40 -22.98 -14.76 12.08
CA LEU B 40 -22.46 -16.10 12.27
C LEU B 40 -22.47 -16.48 13.75
N ALA B 41 -22.05 -15.56 14.63
CA ALA B 41 -22.14 -15.84 16.07
C ALA B 41 -23.57 -16.14 16.46
N ASP B 42 -24.52 -15.40 15.90
CA ASP B 42 -25.92 -15.60 16.25
C ASP B 42 -26.43 -16.95 15.74
N LEU B 43 -25.96 -17.40 14.58
CA LEU B 43 -26.22 -18.75 14.09
C LEU B 43 -25.61 -19.84 14.97
N GLY B 44 -24.70 -19.49 15.86
CA GLY B 44 -24.13 -20.47 16.77
C GLY B 44 -22.68 -20.83 16.52
N ARG B 45 -21.97 -20.11 15.66
CA ARG B 45 -20.55 -20.35 15.45
C ARG B 45 -19.73 -19.53 16.42
N ARG B 46 -18.55 -20.05 16.76
CA ARG B 46 -17.53 -19.30 17.50
C ARG B 46 -16.68 -18.56 16.47
N VAL B 47 -16.68 -17.23 16.57
CA VAL B 47 -16.22 -16.32 15.52
C VAL B 47 -15.15 -15.40 16.07
N MET B 48 -14.12 -15.17 15.28
CA MET B 48 -13.13 -14.15 15.55
C MET B 48 -13.06 -13.20 14.36
N LEU B 49 -12.86 -11.92 14.62
CA LEU B 49 -12.86 -10.89 13.59
C LEU B 49 -11.54 -10.13 13.67
N LEU B 50 -10.66 -10.35 12.70
CA LEU B 50 -9.43 -9.60 12.59
C LEU B 50 -9.65 -8.34 11.75
N ASP B 51 -9.31 -7.18 12.30
CA ASP B 51 -9.29 -5.95 11.55
C ASP B 51 -7.94 -5.93 10.83
N ALA B 52 -7.91 -6.30 9.55
CA ALA B 52 -6.66 -6.29 8.78
C ALA B 52 -6.43 -4.97 8.03
N ASP B 53 -7.22 -3.94 8.29
CA ASP B 53 -6.84 -2.59 7.86
C ASP B 53 -5.86 -2.05 8.91
N LEU B 54 -4.60 -2.51 8.82
CA LEU B 54 -3.74 -2.59 10.00
C LEU B 54 -3.37 -1.22 10.55
N GLY B 55 -3.26 -0.22 9.69
CA GLY B 55 -2.86 1.10 10.12
C GLY B 55 -3.99 2.10 10.07
N LEU B 56 -5.19 1.70 9.63
CA LEU B 56 -6.37 2.58 9.62
C LEU B 56 -7.58 1.80 10.13
N ALA B 57 -7.48 1.33 11.35
CA ALA B 57 -8.50 0.48 11.96
C ALA B 57 -9.88 1.15 11.94
N ASN B 58 -10.90 0.35 11.59
CA ASN B 58 -12.30 0.79 11.61
C ASN B 58 -13.26 -0.16 12.34
N VAL B 59 -12.86 -1.41 12.62
CA VAL B 59 -13.77 -2.34 13.29
C VAL B 59 -14.15 -1.83 14.68
N ASP B 60 -13.15 -1.39 15.44
CA ASP B 60 -13.39 -0.82 16.77
C ASP B 60 -14.27 0.41 16.67
N VAL B 61 -14.06 1.24 15.64
CA VAL B 61 -14.88 2.44 15.46
C VAL B 61 -16.33 2.07 15.20
N LEU B 62 -16.56 1.09 14.33
CA LEU B 62 -17.95 0.75 14.00
C LEU B 62 -18.67 0.11 15.18
N LEU B 63 -17.92 -0.52 16.09
CA LEU B 63 -18.52 -1.13 17.27
C LEU B 63 -18.48 -0.22 18.49
N GLY B 64 -17.91 0.97 18.37
CA GLY B 64 -17.80 1.90 19.48
C GLY B 64 -16.85 1.46 20.58
N LEU B 65 -15.85 0.63 20.25
CA LEU B 65 -14.90 0.15 21.25
C LEU B 65 -13.67 1.03 21.27
N THR B 66 -13.04 1.11 22.44
CA THR B 66 -11.84 1.90 22.64
C THR B 66 -10.81 0.97 23.25
N PRO B 67 -10.11 0.18 22.43
CA PRO B 67 -9.17 -0.80 22.96
C PRO B 67 -8.00 -0.11 23.66
N LYS B 68 -7.61 -0.64 24.81
CA LYS B 68 -6.43 -0.13 25.48
C LYS B 68 -5.16 -0.51 24.72
N ARG B 69 -5.16 -1.69 24.08
CA ARG B 69 -4.05 -2.17 23.25
C ARG B 69 -4.57 -2.66 21.91
N THR B 70 -3.69 -2.70 20.93
CA THR B 70 -4.04 -3.17 19.59
C THR B 70 -2.91 -4.03 19.05
N LEU B 71 -3.09 -4.44 17.79
CA LEU B 71 -2.03 -5.14 17.08
C LEU B 71 -0.72 -4.35 17.06
N ALA B 72 -0.77 -3.02 17.18
CA ALA B 72 0.49 -2.27 17.29
C ALA B 72 1.30 -2.75 18.49
N ASP B 73 0.63 -3.02 19.61
CA ASP B 73 1.35 -3.49 20.80
C ASP B 73 1.93 -4.88 20.62
N VAL B 74 1.31 -5.71 19.77
CA VAL B 74 1.83 -7.04 19.46
C VAL B 74 3.02 -6.94 18.52
N ILE B 75 2.84 -6.19 17.44
CA ILE B 75 3.88 -6.03 16.42
C ILE B 75 5.14 -5.42 17.01
N GLU B 76 4.97 -4.50 17.96
CA GLU B 76 6.09 -3.83 18.63
C GLU B 76 6.67 -4.65 19.78
N GLY B 77 6.12 -5.84 20.06
CA GLY B 77 6.68 -6.74 21.03
C GLY B 77 6.30 -6.49 22.47
N ARG B 78 5.25 -5.71 22.73
CA ARG B 78 4.87 -5.45 24.11
C ARG B 78 3.80 -6.39 24.66
N CYS B 79 3.12 -7.18 23.81
CA CYS B 79 2.18 -8.16 24.35
C CYS B 79 1.88 -9.19 23.27
N GLU B 80 1.04 -10.16 23.62
CA GLU B 80 0.64 -11.24 22.73
C GLU B 80 -0.77 -11.00 22.22
N LEU B 81 -1.10 -11.75 21.16
CA LEU B 81 -2.43 -11.65 20.55
C LEU B 81 -3.53 -11.87 21.58
N ARG B 82 -3.39 -12.87 22.45
CA ARG B 82 -4.45 -13.13 23.44
C ARG B 82 -4.69 -11.93 24.35
N ASP B 83 -3.66 -11.09 24.55
CA ASP B 83 -3.83 -9.92 25.40
C ASP B 83 -4.72 -8.85 24.77
N VAL B 84 -4.81 -8.81 23.43
CA VAL B 84 -5.54 -7.71 22.77
C VAL B 84 -6.97 -8.09 22.38
N LEU B 85 -7.35 -9.37 22.51
CA LEU B 85 -8.70 -9.77 22.12
C LEU B 85 -9.75 -9.01 22.91
N LEU B 86 -10.83 -8.65 22.23
CA LEU B 86 -11.99 -8.06 22.87
C LEU B 86 -13.19 -8.96 22.67
N LEU B 87 -14.01 -9.11 23.71
CA LEU B 87 -15.24 -9.89 23.63
C LEU B 87 -16.35 -8.97 23.14
N GLY B 88 -16.67 -9.06 21.85
CA GLY B 88 -17.64 -8.19 21.25
C GLY B 88 -19.05 -8.76 21.29
N PRO B 89 -19.99 -8.09 20.61
CA PRO B 89 -21.37 -8.57 20.58
C PRO B 89 -21.48 -10.04 20.16
N GLY B 90 -22.36 -10.77 20.83
CA GLY B 90 -22.56 -12.19 20.59
C GLY B 90 -21.33 -13.05 20.79
N GLY B 91 -20.30 -12.52 21.45
CA GLY B 91 -19.07 -13.25 21.70
C GLY B 91 -18.08 -13.29 20.54
N VAL B 92 -18.30 -12.50 19.49
CA VAL B 92 -17.26 -12.34 18.48
C VAL B 92 -16.02 -11.79 19.15
N ARG B 93 -14.90 -12.53 19.05
CA ARG B 93 -13.60 -12.03 19.48
C ARG B 93 -13.06 -11.07 18.44
N ILE B 94 -12.74 -9.85 18.86
CA ILE B 94 -12.26 -8.82 17.96
C ILE B 94 -10.74 -8.68 18.17
N VAL B 95 -10.00 -8.69 17.07
CA VAL B 95 -8.57 -8.39 17.09
C VAL B 95 -8.41 -6.98 16.52
N PRO B 96 -8.19 -5.98 17.37
CA PRO B 96 -8.23 -4.58 16.89
C PRO B 96 -6.89 -4.15 16.35
N ALA B 97 -6.94 -3.36 15.27
CA ALA B 97 -5.80 -2.84 14.56
C ALA B 97 -5.52 -1.42 15.07
N ALA B 98 -4.57 -0.73 14.44
CA ALA B 98 -4.11 0.58 14.88
C ALA B 98 -4.63 1.66 13.94
N SER B 99 -4.62 2.91 14.42
CA SER B 99 -5.26 3.93 13.60
C SER B 99 -4.30 4.81 12.81
N GLY B 100 -3.15 5.19 13.35
CA GLY B 100 -2.17 5.81 12.47
C GLY B 100 -0.74 5.53 12.92
N THR B 101 -0.59 4.45 13.68
CA THR B 101 0.68 4.13 14.31
C THR B 101 1.75 3.85 13.25
N GLN B 102 2.86 4.57 13.34
N GLN B 102 2.89 4.52 13.38
CA GLN B 102 4.03 4.37 12.49
CA GLN B 102 3.99 4.36 12.42
C GLN B 102 4.33 2.89 12.29
C GLN B 102 4.39 2.89 12.28
N SER B 103 4.36 2.15 13.39
CA SER B 103 4.70 0.73 13.37
C SER B 103 3.79 -0.07 12.44
N MET B 104 2.54 0.35 12.26
CA MET B 104 1.57 -0.47 11.56
C MET B 104 1.29 -0.02 10.14
N VAL B 105 1.78 1.16 9.73
CA VAL B 105 1.42 1.68 8.41
C VAL B 105 2.17 0.98 7.29
N HIS B 106 3.36 0.43 7.56
CA HIS B 106 4.00 -0.47 6.61
C HIS B 106 4.65 -1.62 7.39
N LEU B 107 3.93 -2.73 7.49
CA LEU B 107 4.57 -3.98 7.89
C LEU B 107 5.34 -4.56 6.72
N SER B 108 6.50 -5.12 7.02
CA SER B 108 7.23 -5.90 6.04
C SER B 108 6.48 -7.22 5.77
N PRO B 109 6.78 -7.86 4.62
CA PRO B 109 6.24 -9.21 4.40
C PRO B 109 6.54 -10.17 5.54
N MET B 110 7.73 -10.08 6.12
CA MET B 110 8.06 -10.96 7.23
C MET B 110 7.18 -10.67 8.45
N GLN B 111 6.82 -9.40 8.66
CA GLN B 111 5.94 -9.10 9.80
C GLN B 111 4.51 -9.58 9.53
N HIS B 112 4.03 -9.46 8.29
CA HIS B 112 2.75 -10.06 7.91
C HIS B 112 2.74 -11.56 8.18
N ALA B 113 3.78 -12.26 7.71
CA ALA B 113 3.84 -13.70 7.90
C ALA B 113 3.88 -14.07 9.38
N GLY B 114 4.71 -13.38 10.16
CA GLY B 114 4.77 -13.68 11.59
C GLY B 114 3.45 -13.45 12.29
N LEU B 115 2.73 -12.39 11.88
CA LEU B 115 1.44 -12.09 12.47
C LEU B 115 0.42 -13.17 12.13
N ILE B 116 0.34 -13.56 10.86
CA ILE B 116 -0.60 -14.60 10.44
C ILE B 116 -0.28 -15.92 11.14
N GLN B 117 1.00 -16.27 11.25
CA GLN B 117 1.39 -17.48 11.95
C GLN B 117 1.05 -17.43 13.44
N ALA B 118 1.14 -16.24 14.05
CA ALA B 118 0.85 -16.11 15.48
C ALA B 118 -0.60 -16.47 15.82
N PHE B 119 -1.53 -16.39 14.86
CA PHE B 119 -2.92 -16.74 15.15
C PHE B 119 -3.10 -18.20 15.56
N SER B 120 -2.13 -19.07 15.25
CA SER B 120 -2.25 -20.46 15.64
C SER B 120 -2.31 -20.66 17.15
N ASP B 121 -1.86 -19.67 17.94
CA ASP B 121 -1.93 -19.74 19.39
C ASP B 121 -3.31 -19.47 19.98
N ILE B 122 -4.25 -18.92 19.22
CA ILE B 122 -5.56 -18.60 19.78
C ILE B 122 -6.67 -19.32 19.01
N SER B 123 -6.33 -20.43 18.36
CA SER B 123 -7.27 -21.11 17.49
C SER B 123 -8.19 -22.10 18.22
N ASP B 124 -8.01 -22.32 19.52
CA ASP B 124 -8.54 -23.51 20.19
C ASP B 124 -9.98 -23.87 19.87
N ASN B 125 -10.96 -23.09 20.30
CA ASN B 125 -12.33 -23.54 20.08
C ASN B 125 -13.00 -22.61 19.06
N LEU B 126 -12.38 -22.48 17.91
CA LEU B 126 -12.73 -21.43 16.95
C LEU B 126 -13.35 -22.10 15.72
N ASP B 127 -14.47 -21.58 15.25
CA ASP B 127 -15.06 -22.10 14.01
C ASP B 127 -14.73 -21.26 12.79
N VAL B 128 -14.73 -19.94 12.92
CA VAL B 128 -14.63 -19.03 11.78
C VAL B 128 -13.76 -17.85 12.18
N LEU B 129 -12.83 -17.49 11.29
CA LEU B 129 -12.10 -16.24 11.34
C LEU B 129 -12.54 -15.39 10.14
N VAL B 130 -13.04 -14.19 10.42
CA VAL B 130 -13.37 -13.19 9.43
C VAL B 130 -12.24 -12.16 9.41
N VAL B 131 -11.70 -11.90 8.23
CA VAL B 131 -10.60 -10.94 8.06
C VAL B 131 -11.13 -9.76 7.25
N ASP B 132 -11.22 -8.59 7.89
CA ASP B 132 -11.64 -7.35 7.21
C ASP B 132 -10.42 -6.69 6.55
N THR B 133 -10.32 -6.71 5.21
CA THR B 133 -9.09 -6.17 4.62
C THR B 133 -9.18 -4.67 4.33
N ALA B 134 -8.01 -4.06 4.12
CA ALA B 134 -8.00 -2.66 3.71
C ALA B 134 -8.48 -2.52 2.26
N ALA B 135 -8.79 -1.28 1.89
CA ALA B 135 -9.01 -0.93 0.49
C ALA B 135 -7.77 -1.20 -0.34
N GLY B 136 -7.98 -1.42 -1.65
CA GLY B 136 -6.89 -1.57 -2.59
C GLY B 136 -6.58 -3.02 -2.92
N ILE B 137 -5.48 -3.22 -3.66
CA ILE B 137 -5.03 -4.57 -4.00
C ILE B 137 -3.51 -4.67 -3.81
N GLY B 138 -2.98 -3.96 -2.83
CA GLY B 138 -1.57 -4.04 -2.52
C GLY B 138 -1.18 -5.37 -1.82
N ASP B 139 0.12 -5.52 -1.60
CA ASP B 139 0.66 -6.80 -1.12
C ASP B 139 0.07 -7.19 0.23
N SER B 140 -0.29 -6.21 1.06
CA SER B 140 -0.84 -6.56 2.36
C SER B 140 -2.23 -7.18 2.25
N VAL B 141 -3.14 -6.50 1.54
CA VAL B 141 -4.45 -7.07 1.21
C VAL B 141 -4.29 -8.46 0.61
N VAL B 142 -3.41 -8.58 -0.39
CA VAL B 142 -3.31 -9.84 -1.12
C VAL B 142 -2.78 -10.94 -0.20
N SER B 143 -1.86 -10.62 0.70
CA SER B 143 -1.35 -11.62 1.63
C SER B 143 -2.47 -12.13 2.54
N PHE B 144 -3.33 -11.22 3.03
CA PHE B 144 -4.43 -11.68 3.88
C PHE B 144 -5.47 -12.45 3.07
N VAL B 145 -5.75 -12.00 1.86
CA VAL B 145 -6.73 -12.69 1.02
C VAL B 145 -6.24 -14.10 0.68
N ARG B 146 -4.96 -14.23 0.33
CA ARG B 146 -4.39 -15.52 0.00
C ARG B 146 -4.34 -16.43 1.22
N ALA B 147 -4.10 -15.85 2.41
CA ALA B 147 -4.03 -16.65 3.64
C ALA B 147 -5.38 -17.22 4.06
N ALA B 148 -6.49 -16.68 3.55
CA ALA B 148 -7.81 -17.13 3.91
C ALA B 148 -8.22 -18.33 3.06
N GLN B 149 -9.32 -18.97 3.42
CA GLN B 149 -9.84 -20.07 2.64
C GLN B 149 -10.89 -19.63 1.63
N GLU B 150 -11.66 -18.60 1.95
CA GLU B 150 -12.68 -18.09 1.05
C GLU B 150 -12.48 -16.58 0.88
N VAL B 151 -12.73 -16.09 -0.32
CA VAL B 151 -12.56 -14.69 -0.68
C VAL B 151 -13.94 -14.12 -0.97
N LEU B 152 -14.41 -13.23 -0.11
CA LEU B 152 -15.73 -12.59 -0.23
C LEU B 152 -15.54 -11.16 -0.71
N LEU B 153 -15.83 -10.93 -1.98
CA LEU B 153 -15.76 -9.59 -2.57
C LEU B 153 -17.08 -8.87 -2.32
N VAL B 154 -17.00 -7.68 -1.72
CA VAL B 154 -18.14 -6.79 -1.57
C VAL B 154 -18.15 -5.87 -2.77
N VAL B 155 -19.28 -5.82 -3.48
CA VAL B 155 -19.38 -5.03 -4.69
C VAL B 155 -20.64 -4.19 -4.64
N CYS B 156 -20.54 -2.96 -5.12
CA CYS B 156 -21.67 -2.06 -5.31
C CYS B 156 -21.93 -1.88 -6.80
N ASP B 157 -23.15 -1.46 -7.13
CA ASP B 157 -23.54 -1.30 -8.53
C ASP B 157 -23.12 0.08 -9.03
N GLU B 158 -21.81 0.25 -9.17
CA GLU B 158 -21.21 1.39 -9.82
C GLU B 158 -20.01 0.92 -10.63
N PRO B 159 -19.71 1.58 -11.75
CA PRO B 159 -18.60 1.11 -12.60
C PRO B 159 -17.26 1.02 -11.87
N THR B 160 -16.97 1.95 -10.94
CA THR B 160 -15.69 1.90 -10.25
C THR B 160 -15.56 0.66 -9.36
N SER B 161 -16.65 0.26 -8.68
CA SER B 161 -16.59 -0.93 -7.82
C SER B 161 -16.47 -2.20 -8.64
N ILE B 162 -17.23 -2.29 -9.74
CA ILE B 162 -17.16 -3.47 -10.61
C ILE B 162 -15.76 -3.59 -11.19
N THR B 163 -15.20 -2.48 -11.67
CA THR B 163 -13.86 -2.50 -12.23
C THR B 163 -12.82 -2.92 -11.19
N ASP B 164 -12.92 -2.40 -9.95
CA ASP B 164 -11.91 -2.75 -8.93
C ASP B 164 -12.03 -4.21 -8.49
N ALA B 165 -13.26 -4.70 -8.32
CA ALA B 165 -13.45 -6.11 -7.99
C ALA B 165 -12.89 -7.01 -9.09
N TYR B 166 -13.17 -6.67 -10.35
CA TYR B 166 -12.62 -7.44 -11.45
C TYR B 166 -11.09 -7.39 -11.45
N ALA B 167 -10.51 -6.23 -11.18
CA ALA B 167 -9.05 -6.12 -11.11
C ALA B 167 -8.47 -7.02 -10.03
N LEU B 168 -9.13 -7.09 -8.87
CA LEU B 168 -8.67 -7.97 -7.80
C LEU B 168 -8.77 -9.43 -8.22
N ILE B 169 -9.92 -9.84 -8.77
CA ILE B 169 -10.07 -11.22 -9.25
C ILE B 169 -8.99 -11.54 -10.27
N LYS B 170 -8.73 -10.60 -11.18
CA LYS B 170 -7.75 -10.86 -12.23
C LYS B 170 -6.38 -11.06 -11.63
N LEU B 171 -5.97 -10.17 -10.71
CA LEU B 171 -4.67 -10.31 -10.07
C LEU B 171 -4.55 -11.64 -9.34
N LEU B 172 -5.56 -12.00 -8.54
CA LEU B 172 -5.46 -13.23 -7.74
C LEU B 172 -5.39 -14.47 -8.64
N ASN B 173 -6.16 -14.48 -9.74
CA ASN B 173 -6.12 -15.58 -10.71
C ASN B 173 -4.81 -15.59 -11.51
N ARG B 174 -4.46 -14.47 -12.12
CA ARG B 174 -3.24 -14.40 -12.95
C ARG B 174 -1.99 -14.71 -12.15
N ASP B 175 -1.79 -14.02 -11.04
CA ASP B 175 -0.52 -14.12 -10.34
C ASP B 175 -0.51 -15.22 -9.29
N HIS B 176 -1.67 -15.69 -8.80
CA HIS B 176 -1.64 -16.69 -7.76
C HIS B 176 -2.46 -17.93 -8.06
N GLY B 177 -3.02 -18.03 -9.26
CA GLY B 177 -3.79 -19.20 -9.65
C GLY B 177 -5.11 -19.39 -8.96
N MET B 178 -5.62 -18.37 -8.26
CA MET B 178 -6.89 -18.53 -7.55
C MET B 178 -8.06 -18.51 -8.53
N THR B 179 -9.06 -19.36 -8.27
CA THR B 179 -10.17 -19.52 -9.21
C THR B 179 -11.55 -19.38 -8.60
N ARG B 180 -11.70 -19.39 -7.27
CA ARG B 180 -13.02 -19.45 -6.63
C ARG B 180 -13.24 -18.18 -5.81
N PHE B 181 -14.31 -17.45 -6.14
CA PHE B 181 -14.62 -16.18 -5.49
C PHE B 181 -16.10 -16.14 -5.11
N ARG B 182 -16.38 -15.53 -3.96
CA ARG B 182 -17.72 -15.34 -3.42
C ARG B 182 -18.05 -13.87 -3.57
N VAL B 183 -19.23 -13.55 -4.11
CA VAL B 183 -19.56 -12.18 -4.44
C VAL B 183 -20.80 -11.79 -3.66
N LEU B 184 -20.70 -10.70 -2.90
CA LEU B 184 -21.81 -10.14 -2.15
C LEU B 184 -22.11 -8.75 -2.71
N ALA B 185 -23.34 -8.55 -3.17
CA ALA B 185 -23.77 -7.21 -3.55
C ALA B 185 -24.20 -6.43 -2.31
N ASN B 186 -23.69 -5.21 -2.15
CA ASN B 186 -24.03 -4.40 -0.99
C ASN B 186 -24.69 -3.11 -1.45
N MET B 187 -25.56 -2.58 -0.59
CA MET B 187 -26.24 -1.30 -0.82
C MET B 187 -27.13 -1.36 -2.07
N ALA B 188 -27.65 -2.54 -2.39
CA ALA B 188 -28.56 -2.64 -3.51
C ALA B 188 -29.92 -2.06 -3.15
N HIS B 189 -30.56 -1.42 -4.12
CA HIS B 189 -31.88 -0.88 -3.89
C HIS B 189 -32.99 -1.86 -4.25
N SER B 190 -32.65 -3.06 -4.73
CA SER B 190 -33.61 -4.14 -4.92
C SER B 190 -32.84 -5.44 -5.08
N PRO B 191 -33.48 -6.59 -4.81
CA PRO B 191 -32.81 -7.88 -5.09
C PRO B 191 -32.44 -8.05 -6.54
N GLN B 192 -33.26 -7.51 -7.46
CA GLN B 192 -32.92 -7.58 -8.88
C GLN B 192 -31.68 -6.74 -9.19
N GLU B 193 -31.49 -5.61 -8.51
CA GLU B 193 -30.25 -4.86 -8.68
C GLU B 193 -29.03 -5.70 -8.31
N GLY B 194 -29.11 -6.45 -7.20
CA GLY B 194 -28.01 -7.32 -6.82
C GLY B 194 -27.73 -8.38 -7.87
N ARG B 195 -28.79 -9.03 -8.37
CA ARG B 195 -28.61 -10.02 -9.42
C ARG B 195 -28.02 -9.39 -10.69
N ASN B 196 -28.50 -8.21 -11.07
CA ASN B 196 -28.01 -7.56 -12.28
C ASN B 196 -26.54 -7.14 -12.12
N LEU B 197 -26.15 -6.74 -10.93
CA LEU B 197 -24.75 -6.43 -10.64
C LEU B 197 -23.87 -7.67 -10.77
N PHE B 198 -24.32 -8.80 -10.22
CA PHE B 198 -23.57 -10.05 -10.40
C PHE B 198 -23.45 -10.38 -11.89
N ALA B 199 -24.51 -10.14 -12.66
CA ALA B 199 -24.45 -10.38 -14.10
C ALA B 199 -23.41 -9.48 -14.77
N LYS B 200 -23.38 -8.20 -14.41
CA LYS B 200 -22.37 -7.30 -14.96
C LYS B 200 -20.96 -7.81 -14.67
N LEU B 201 -20.72 -8.28 -13.43
CA LEU B 201 -19.37 -8.72 -13.12
C LEU B 201 -19.02 -10.01 -13.86
N THR B 202 -19.95 -10.97 -13.89
CA THR B 202 -19.65 -12.23 -14.55
C THR B 202 -19.48 -12.04 -16.06
N LYS B 203 -20.11 -11.03 -16.64
CA LYS B 203 -19.87 -10.75 -18.06
C LYS B 203 -18.38 -10.50 -18.34
N VAL B 204 -17.76 -9.62 -17.54
CA VAL B 204 -16.34 -9.28 -17.73
C VAL B 204 -15.45 -10.47 -17.40
N THR B 205 -15.71 -11.15 -16.27
CA THR B 205 -14.83 -12.26 -15.91
C THR B 205 -14.98 -13.43 -16.89
N ASP B 206 -16.21 -13.72 -17.34
CA ASP B 206 -16.39 -14.72 -18.39
C ASP B 206 -15.60 -14.34 -19.64
N ARG B 207 -15.61 -13.06 -20.02
CA ARG B 207 -14.95 -12.65 -21.26
C ARG B 207 -13.42 -12.82 -21.17
N PHE B 208 -12.81 -12.46 -20.05
CA PHE B 208 -11.36 -12.40 -20.02
C PHE B 208 -10.66 -13.49 -19.22
N LEU B 209 -11.37 -14.19 -18.34
CA LEU B 209 -10.76 -15.08 -17.39
C LEU B 209 -11.47 -16.42 -17.41
N ASP B 210 -10.91 -17.37 -16.68
CA ASP B 210 -11.59 -18.64 -16.37
C ASP B 210 -11.63 -18.77 -14.85
N VAL B 211 -12.69 -18.24 -14.23
CA VAL B 211 -12.83 -18.21 -12.79
C VAL B 211 -14.25 -18.65 -12.44
N ALA B 212 -14.43 -19.04 -11.19
CA ALA B 212 -15.74 -19.47 -10.66
C ALA B 212 -16.23 -18.45 -9.63
N LEU B 213 -17.32 -17.75 -9.96
CA LEU B 213 -17.94 -16.76 -9.08
C LEU B 213 -19.26 -17.30 -8.53
N GLN B 214 -19.40 -17.32 -7.21
CA GLN B 214 -20.68 -17.64 -6.60
C GLN B 214 -21.36 -16.36 -6.12
N TYR B 215 -22.61 -16.18 -6.51
CA TYR B 215 -23.41 -15.07 -5.99
C TYR B 215 -23.94 -15.46 -4.61
N VAL B 216 -23.42 -14.83 -3.56
CA VAL B 216 -23.89 -15.08 -2.19
C VAL B 216 -25.27 -14.45 -1.93
N GLY B 217 -25.59 -13.36 -2.61
CA GLY B 217 -26.78 -12.62 -2.26
C GLY B 217 -26.47 -11.14 -2.10
N VAL B 218 -27.37 -10.42 -1.44
CA VAL B 218 -27.33 -8.97 -1.42
C VAL B 218 -27.58 -8.47 0.00
N ILE B 219 -26.96 -7.35 0.34
CA ILE B 219 -27.30 -6.56 1.51
C ILE B 219 -28.00 -5.31 1.01
N PRO B 220 -29.25 -5.06 1.37
CA PRO B 220 -29.95 -3.90 0.81
C PRO B 220 -29.39 -2.59 1.35
N TYR B 221 -29.47 -1.55 0.53
CA TYR B 221 -29.32 -0.22 1.08
C TYR B 221 -30.34 -0.05 2.20
N ASP B 222 -29.89 0.45 3.35
CA ASP B 222 -30.75 0.53 4.52
C ASP B 222 -30.30 1.69 5.40
N GLU B 223 -31.22 2.63 5.63
CA GLU B 223 -30.94 3.76 6.52
C GLU B 223 -30.50 3.30 7.90
N SER B 224 -30.91 2.10 8.31
CA SER B 224 -30.51 1.57 9.61
C SER B 224 -29.00 1.40 9.70
N VAL B 225 -28.35 1.06 8.57
CA VAL B 225 -26.89 0.97 8.57
C VAL B 225 -26.27 2.34 8.81
N ARG B 226 -26.81 3.39 8.16
CA ARG B 226 -26.26 4.73 8.35
C ARG B 226 -26.45 5.22 9.78
N LYS B 227 -27.64 4.95 10.34
CA LYS B 227 -27.88 5.27 11.74
C LYS B 227 -26.93 4.51 12.65
N ALA B 228 -26.68 3.23 12.34
CA ALA B 228 -25.84 2.41 13.21
C ALA B 228 -24.40 2.89 13.18
N VAL B 229 -23.89 3.24 11.99
CA VAL B 229 -22.57 3.85 11.87
C VAL B 229 -22.49 5.10 12.72
N GLN B 230 -23.51 5.97 12.64
CA GLN B 230 -23.50 7.17 13.49
C GLN B 230 -23.50 6.81 14.97
N LYS B 231 -24.27 5.80 15.36
CA LYS B 231 -24.31 5.35 16.75
C LYS B 231 -23.06 4.57 17.15
N GLN B 232 -22.25 4.15 16.18
CA GLN B 232 -21.11 3.27 16.43
C GLN B 232 -21.55 2.00 17.17
N ARG B 233 -22.64 1.42 16.67
CA ARG B 233 -23.09 0.08 17.04
C ARG B 233 -23.35 -0.68 15.76
N ALA B 234 -23.04 -1.97 15.75
CA ALA B 234 -23.32 -2.77 14.57
C ALA B 234 -24.81 -2.75 14.26
N VAL B 235 -25.15 -2.61 12.98
CA VAL B 235 -26.57 -2.63 12.63
C VAL B 235 -27.24 -3.92 13.10
N TYR B 236 -26.49 -5.03 13.13
CA TYR B 236 -27.08 -6.31 13.50
C TYR B 236 -27.45 -6.34 14.96
N GLU B 237 -26.65 -5.68 15.80
CA GLU B 237 -26.93 -5.57 17.22
C GLU B 237 -28.00 -4.51 17.49
N ALA B 238 -27.86 -3.34 16.87
CA ALA B 238 -28.70 -2.19 17.24
C ALA B 238 -30.04 -2.21 16.52
N PHE B 239 -30.13 -2.78 15.33
CA PHE B 239 -31.39 -2.81 14.58
C PHE B 239 -31.63 -4.24 14.09
N PRO B 240 -31.84 -5.18 15.02
CA PRO B 240 -31.83 -6.60 14.65
C PRO B 240 -32.93 -7.01 13.68
N ARG B 241 -33.97 -6.20 13.53
CA ARG B 241 -35.04 -6.51 12.59
C ARG B 241 -35.02 -5.62 11.36
N SER B 242 -33.99 -4.79 11.17
CA SER B 242 -33.91 -4.04 9.92
C SER B 242 -33.69 -4.98 8.75
N LYS B 243 -34.07 -4.52 7.55
CA LYS B 243 -33.83 -5.30 6.34
C LYS B 243 -32.36 -5.69 6.21
N ALA B 244 -31.44 -4.76 6.50
CA ALA B 244 -30.01 -5.10 6.39
C ALA B 244 -29.65 -6.24 7.30
N SER B 245 -30.15 -6.23 8.53
CA SER B 245 -29.81 -7.28 9.50
C SER B 245 -30.41 -8.64 9.11
N LEU B 246 -31.67 -8.65 8.67
CA LEU B 246 -32.25 -9.89 8.12
C LEU B 246 -31.42 -10.41 6.96
N ALA B 247 -30.95 -9.50 6.09
CA ALA B 247 -30.13 -9.91 4.97
C ALA B 247 -28.80 -10.50 5.43
N PHE B 248 -28.23 -9.93 6.50
CA PHE B 248 -27.00 -10.51 7.04
C PHE B 248 -27.23 -11.91 7.59
N LYS B 249 -28.38 -12.14 8.22
CA LYS B 249 -28.66 -13.50 8.69
C LYS B 249 -28.76 -14.47 7.51
N ALA B 250 -29.42 -14.06 6.42
CA ALA B 250 -29.49 -14.92 5.24
C ALA B 250 -28.12 -15.19 4.65
N VAL B 251 -27.30 -14.15 4.52
CA VAL B 251 -25.94 -14.30 4.01
C VAL B 251 -25.16 -15.25 4.92
N ALA B 252 -25.36 -15.14 6.24
CA ALA B 252 -24.62 -15.99 7.17
C ALA B 252 -25.00 -17.46 6.97
N GLN B 253 -26.28 -17.73 6.70
CA GLN B 253 -26.69 -19.09 6.35
C GLN B 253 -25.94 -19.61 5.13
N LYS B 254 -25.90 -18.81 4.06
CA LYS B 254 -25.14 -19.21 2.88
C LYS B 254 -23.67 -19.47 3.22
N VAL B 255 -23.05 -18.56 3.97
CA VAL B 255 -21.64 -18.69 4.31
C VAL B 255 -21.39 -19.96 5.11
N ASP B 256 -22.26 -20.21 6.08
CA ASP B 256 -22.09 -21.39 6.93
C ASP B 256 -22.22 -22.68 6.16
N SER B 257 -22.90 -22.68 5.00
CA SER B 257 -22.94 -23.91 4.23
C SER B 257 -21.75 -24.09 3.28
N TRP B 258 -20.76 -23.18 3.29
CA TRP B 258 -19.56 -23.38 2.47
C TRP B 258 -18.78 -24.59 2.97
N PRO B 259 -18.19 -25.36 2.07
CA PRO B 259 -17.36 -26.49 2.52
C PRO B 259 -16.19 -26.02 3.37
N LEU B 260 -15.88 -26.79 4.41
CA LEU B 260 -14.73 -26.47 5.22
C LEU B 260 -13.46 -26.84 4.46
N PRO B 261 -12.35 -26.17 4.74
CA PRO B 261 -11.10 -26.54 4.10
C PRO B 261 -10.70 -27.95 4.52
N ALA B 262 -10.04 -28.66 3.62
CA ALA B 262 -9.50 -29.98 3.94
C ALA B 262 -7.98 -29.92 4.10
N ASN B 263 -7.28 -29.47 3.07
CA ASN B 263 -5.84 -29.60 3.08
C ASN B 263 -5.16 -28.25 3.11
N PRO B 264 -3.96 -28.18 3.65
CA PRO B 264 -3.12 -27.01 3.43
C PRO B 264 -2.79 -26.87 1.95
N ARG B 265 -2.71 -25.63 1.50
CA ARG B 265 -2.16 -25.34 0.21
C ARG B 265 -0.67 -25.07 0.44
N GLY B 266 0.09 -24.79 -0.59
CA GLY B 266 1.50 -24.71 -0.25
C GLY B 266 2.07 -23.38 0.25
N HIS B 267 1.24 -22.39 0.58
CA HIS B 267 1.75 -21.05 0.84
C HIS B 267 1.35 -20.60 2.25
N LEU B 268 1.61 -19.32 2.54
CA LEU B 268 1.32 -18.73 3.86
C LEU B 268 -0.19 -18.63 4.08
N GLU B 269 -0.70 -19.30 5.11
CA GLU B 269 -2.14 -19.25 5.36
C GLU B 269 -2.39 -19.40 6.85
N PHE B 270 -3.57 -18.95 7.28
CA PHE B 270 -3.96 -19.08 8.68
C PHE B 270 -4.16 -20.55 9.04
N PHE B 271 -3.70 -20.93 10.24
CA PHE B 271 -4.04 -22.20 10.89
C PHE B 271 -3.59 -23.42 10.08
N VAL B 272 -2.37 -23.34 9.54
CA VAL B 272 -1.86 -24.45 8.72
C VAL B 272 -1.74 -25.72 9.55
N GLU B 273 -1.36 -25.58 10.84
CA GLU B 273 -1.18 -26.76 11.67
C GLU B 273 -2.47 -27.55 11.80
N ARG B 274 -3.60 -26.86 11.99
CA ARG B 274 -4.90 -27.53 12.00
C ARG B 274 -5.25 -28.12 10.65
N LEU B 275 -4.75 -27.53 9.55
CA LEU B 275 -5.02 -28.13 8.25
C LEU B 275 -4.22 -29.41 8.05
N VAL B 276 -3.03 -29.49 8.65
CA VAL B 276 -2.23 -30.73 8.57
C VAL B 276 -2.87 -31.84 9.39
N GLN B 277 -3.80 -31.48 10.29
CA GLN B 277 -4.54 -32.41 11.16
C GLN B 277 -3.59 -33.03 12.17
N LEU C 6 14.34 35.44 -4.01
CA LEU C 6 13.75 35.29 -2.69
C LEU C 6 14.80 35.22 -1.59
N PHE C 7 14.77 36.20 -0.68
CA PHE C 7 15.67 36.20 0.48
C PHE C 7 14.94 36.79 1.66
N ARG C 8 14.80 36.00 2.73
CA ARG C 8 14.28 36.52 3.99
C ARG C 8 15.39 37.22 4.76
N SER C 9 15.01 38.23 5.53
CA SER C 9 15.98 39.01 6.27
C SER C 9 16.16 38.46 7.68
N LEU C 10 17.37 38.61 8.20
CA LEU C 10 17.66 38.27 9.59
C LEU C 10 17.25 39.47 10.44
N VAL C 11 16.18 39.34 11.21
CA VAL C 11 15.67 40.44 12.01
C VAL C 11 16.04 40.21 13.47
N GLY C 12 15.90 41.26 14.26
CA GLY C 12 16.22 41.19 15.66
C GLY C 12 17.32 42.15 16.07
N THR C 13 17.37 42.43 17.37
CA THR C 13 18.37 43.32 17.95
C THR C 13 19.43 42.58 18.77
N SER C 14 19.22 41.30 19.08
CA SER C 14 20.10 40.56 19.97
C SER C 14 21.55 40.53 19.47
N ARG C 15 22.47 40.30 20.40
CA ARG C 15 23.88 40.15 20.03
C ARG C 15 24.10 38.94 19.13
N ALA C 16 23.38 37.85 19.37
CA ALA C 16 23.57 36.64 18.57
C ALA C 16 23.23 36.90 17.11
N ILE C 17 22.05 37.47 16.86
CA ILE C 17 21.67 37.76 15.48
C ILE C 17 22.56 38.84 14.90
N GLN C 18 23.00 39.81 15.71
CA GLN C 18 23.95 40.82 15.22
C GLN C 18 25.21 40.16 14.69
N GLN C 19 25.78 39.22 15.46
CA GLN C 19 26.95 38.48 15.02
C GLN C 19 26.69 37.76 13.70
N VAL C 20 25.56 37.05 13.62
CA VAL C 20 25.26 36.32 12.39
C VAL C 20 25.24 37.28 11.19
N ARG C 21 24.65 38.46 11.39
CA ARG C 21 24.60 39.44 10.32
C ARG C 21 26.00 39.90 9.93
N GLN C 22 26.88 40.10 10.93
CA GLN C 22 28.27 40.44 10.65
C GLN C 22 28.93 39.36 9.78
N MET C 23 28.68 38.09 10.12
CA MET C 23 29.33 36.98 9.45
C MET C 23 28.91 36.89 7.99
N MET C 24 27.63 37.16 7.69
CA MET C 24 27.19 37.20 6.29
C MET C 24 28.10 38.10 5.45
N GLN C 25 28.56 39.20 6.04
CA GLN C 25 29.42 40.11 5.31
C GLN C 25 30.86 39.62 5.33
N GLN C 26 31.29 39.05 6.46
CA GLN C 26 32.67 38.55 6.57
C GLN C 26 32.99 37.51 5.52
N VAL C 27 32.03 36.63 5.22
CA VAL C 27 32.26 35.52 4.31
C VAL C 27 31.81 35.84 2.88
N ALA C 28 31.40 37.08 2.60
CA ALA C 28 30.81 37.42 1.30
C ALA C 28 31.80 37.27 0.15
N ASP C 29 33.09 37.36 0.43
CA ASP C 29 34.14 37.38 -0.58
C ASP C 29 34.69 36.01 -0.94
N THR C 30 34.20 34.92 -0.32
CA THR C 30 34.79 33.62 -0.51
C THR C 30 33.73 32.56 -0.78
N ASP C 31 34.11 31.53 -1.52
CA ASP C 31 33.26 30.36 -1.72
C ASP C 31 33.53 29.28 -0.69
N ALA C 32 34.12 29.63 0.45
CA ALA C 32 34.40 28.64 1.48
C ALA C 32 33.11 27.95 1.92
N SER C 33 33.18 26.63 2.10
CA SER C 33 32.03 25.89 2.62
C SER C 33 31.64 26.41 3.99
N VAL C 34 30.34 26.48 4.23
CA VAL C 34 29.81 26.98 5.50
C VAL C 34 29.12 25.81 6.21
N LEU C 35 29.32 25.72 7.53
CA LEU C 35 28.60 24.76 8.36
C LEU C 35 27.83 25.51 9.45
N ILE C 36 26.50 25.40 9.42
CA ILE C 36 25.62 26.11 10.34
C ILE C 36 25.11 25.11 11.39
N LEU C 37 25.58 25.28 12.62
CA LEU C 37 25.15 24.47 13.75
C LEU C 37 24.03 25.18 14.50
N GLY C 38 23.02 24.42 14.90
CA GLY C 38 21.93 24.99 15.68
C GLY C 38 20.83 23.98 15.93
N GLU C 39 20.05 24.20 16.98
CA GLU C 39 18.87 23.36 17.20
C GLU C 39 17.93 23.41 15.98
N SER C 40 17.17 22.33 15.82
CA SER C 40 16.10 22.30 14.84
C SER C 40 15.21 23.52 14.90
N GLY C 41 14.93 24.11 13.73
CA GLY C 41 14.02 25.24 13.65
C GLY C 41 14.61 26.60 13.99
N THR C 42 15.94 26.75 14.03
CA THR C 42 16.54 28.01 14.43
C THR C 42 16.67 29.01 13.28
N GLY C 43 16.34 28.63 12.05
CA GLY C 43 16.47 29.54 10.93
C GLY C 43 17.68 29.30 10.07
N LYS C 44 18.17 28.06 10.00
CA LYS C 44 19.44 27.82 9.32
C LYS C 44 19.32 28.03 7.82
N GLU C 45 18.17 27.65 7.23
CA GLU C 45 17.99 27.92 5.81
C GLU C 45 17.82 29.42 5.52
N VAL C 46 17.18 30.16 6.44
CA VAL C 46 17.10 31.60 6.23
C VAL C 46 18.49 32.22 6.25
N VAL C 47 19.35 31.75 7.15
CA VAL C 47 20.73 32.21 7.16
C VAL C 47 21.44 31.83 5.86
N ALA C 48 21.22 30.59 5.40
CA ALA C 48 21.89 30.11 4.19
C ALA C 48 21.48 30.93 2.96
N ARG C 49 20.19 31.27 2.87
CA ARG C 49 19.73 32.11 1.76
C ARG C 49 20.29 33.53 1.87
N ASN C 50 20.36 34.06 3.09
CA ASN C 50 20.92 35.41 3.25
C ASN C 50 22.39 35.44 2.90
N LEU C 51 23.11 34.39 3.27
CA LEU C 51 24.52 34.24 2.93
C LEU C 51 24.70 34.17 1.42
N HIS C 52 23.90 33.31 0.76
CA HIS C 52 23.91 33.22 -0.70
C HIS C 52 23.65 34.58 -1.34
N TYR C 53 22.65 35.31 -0.84
CA TYR C 53 22.33 36.62 -1.38
C TYR C 53 23.48 37.61 -1.21
N HIS C 54 24.23 37.52 -0.11
CA HIS C 54 25.40 38.40 -0.01
C HIS C 54 26.64 37.84 -0.70
N SER C 55 26.59 36.61 -1.22
CA SER C 55 27.79 36.02 -1.82
C SER C 55 27.99 36.52 -3.25
N LYS C 56 29.14 36.16 -3.81
CA LYS C 56 29.42 36.41 -5.22
C LYS C 56 28.51 35.61 -6.14
N ARG C 57 27.76 34.65 -5.58
CA ARG C 57 26.88 33.77 -6.33
C ARG C 57 25.42 34.22 -6.28
N ARG C 58 25.16 35.46 -5.87
CA ARG C 58 23.81 35.92 -5.54
C ARG C 58 22.81 35.67 -6.67
N GLU C 59 23.26 35.77 -7.92
CA GLU C 59 22.38 35.58 -9.05
C GLU C 59 22.32 34.13 -9.53
N GLY C 60 23.12 33.23 -8.93
CA GLY C 60 23.00 31.80 -9.20
C GLY C 60 21.85 31.17 -8.45
N PRO C 61 21.58 29.90 -8.75
CA PRO C 61 20.48 29.20 -8.07
C PRO C 61 20.81 28.88 -6.61
N PHE C 62 19.75 28.76 -5.81
CA PHE C 62 19.82 28.25 -4.45
C PHE C 62 19.00 26.97 -4.37
N VAL C 63 19.66 25.86 -4.09
CA VAL C 63 18.99 24.56 -4.12
C VAL C 63 19.10 23.90 -2.75
N PRO C 64 17.99 23.71 -2.04
CA PRO C 64 18.01 22.97 -0.76
C PRO C 64 17.86 21.47 -0.95
N VAL C 65 18.52 20.73 -0.06
CA VAL C 65 18.36 19.29 0.10
C VAL C 65 18.25 19.01 1.59
N ASN C 66 17.28 18.20 2.00
CA ASN C 66 17.16 17.80 3.40
C ASN C 66 17.53 16.32 3.47
N CYS C 67 18.77 16.05 3.89
CA CYS C 67 19.22 14.68 4.08
C CYS C 67 18.42 13.94 5.15
N GLY C 68 17.61 14.65 5.93
CA GLY C 68 16.80 14.01 6.95
C GLY C 68 15.41 13.66 6.49
N ALA C 69 14.96 14.25 5.37
CA ALA C 69 13.63 14.07 4.85
C ALA C 69 13.61 13.30 3.52
N ILE C 70 14.76 12.84 3.06
CA ILE C 70 14.87 12.00 1.87
C ILE C 70 15.39 10.65 2.33
N PRO C 71 14.74 9.54 1.98
CA PRO C 71 15.22 8.22 2.40
C PRO C 71 16.66 8.00 1.95
N ALA C 72 17.38 7.22 2.76
CA ALA C 72 18.80 7.00 2.51
C ALA C 72 19.05 6.43 1.12
N GLU C 73 18.15 5.58 0.63
CA GLU C 73 18.35 4.92 -0.66
C GLU C 73 18.11 5.85 -1.84
N LEU C 74 17.39 6.95 -1.64
CA LEU C 74 17.10 7.92 -2.71
C LEU C 74 18.08 9.08 -2.75
N LEU C 75 18.82 9.32 -1.66
CA LEU C 75 19.59 10.55 -1.54
C LEU C 75 20.64 10.68 -2.64
N GLU C 76 21.36 9.59 -2.95
CA GLU C 76 22.37 9.66 -4.01
C GLU C 76 21.76 10.04 -5.36
N SER C 77 20.62 9.45 -5.70
CA SER C 77 19.94 9.82 -6.95
C SER C 77 19.48 11.28 -6.93
N GLU C 78 18.96 11.73 -5.78
CA GLU C 78 18.54 13.13 -5.69
C GLU C 78 19.73 14.07 -5.84
N LEU C 79 20.86 13.72 -5.25
CA LEU C 79 22.02 14.61 -5.24
C LEU C 79 22.75 14.63 -6.57
N PHE C 80 23.02 13.46 -7.15
CA PHE C 80 23.87 13.28 -8.31
C PHE C 80 23.12 13.01 -9.60
N GLY C 81 21.79 12.87 -9.57
CA GLY C 81 21.03 12.44 -10.73
C GLY C 81 21.23 10.96 -11.03
N HIS C 82 20.59 10.50 -12.11
CA HIS C 82 20.77 9.13 -12.53
C HIS C 82 20.47 8.99 -14.02
N GLU C 83 20.97 7.89 -14.59
CA GLU C 83 20.61 7.46 -15.94
C GLU C 83 19.40 6.54 -15.87
N LYS C 84 18.74 6.40 -17.02
CA LYS C 84 17.51 5.61 -17.06
C LYS C 84 17.77 4.14 -16.68
N GLY C 85 18.91 3.60 -17.06
CA GLY C 85 18.95 2.21 -16.59
C GLY C 85 19.32 1.95 -15.14
N ALA C 86 19.37 2.96 -14.28
CA ALA C 86 20.24 2.89 -13.10
C ALA C 86 19.72 1.89 -12.07
N PHE C 87 18.51 2.11 -11.58
CA PHE C 87 17.88 1.21 -10.62
C PHE C 87 16.43 1.03 -11.05
N THR C 88 15.74 0.09 -10.40
CA THR C 88 14.41 -0.31 -10.85
C THR C 88 13.52 0.89 -11.15
N GLY C 89 13.32 1.78 -10.18
CA GLY C 89 12.44 2.89 -10.51
C GLY C 89 12.99 4.03 -11.34
N ALA C 90 14.15 3.87 -11.99
CA ALA C 90 14.80 4.98 -12.71
C ALA C 90 14.28 5.06 -14.15
N ILE C 91 13.05 5.55 -14.29
CA ILE C 91 12.39 5.53 -15.60
C ILE C 91 12.77 6.68 -16.52
N THR C 92 13.54 7.67 -16.03
CA THR C 92 14.05 8.75 -16.88
C THR C 92 15.50 8.99 -16.53
N SER C 93 16.20 9.70 -17.43
CA SER C 93 17.49 10.29 -17.09
C SER C 93 17.25 11.72 -16.65
N ARG C 94 17.99 12.15 -15.63
CA ARG C 94 17.68 13.44 -15.03
C ARG C 94 18.91 13.93 -14.26
N ALA C 95 19.17 15.22 -14.36
CA ALA C 95 20.12 15.88 -13.49
C ALA C 95 19.60 15.94 -12.06
N GLY C 96 20.51 15.86 -11.10
CA GLY C 96 20.18 15.97 -9.70
C GLY C 96 20.46 17.37 -9.16
N ARG C 97 20.49 17.47 -7.84
CA ARG C 97 20.49 18.79 -7.22
C ARG C 97 21.85 19.48 -7.32
N PHE C 98 22.94 18.72 -7.44
CA PHE C 98 24.23 19.36 -7.72
C PHE C 98 24.20 20.10 -9.06
N GLU C 99 23.81 19.41 -10.14
CA GLU C 99 23.66 20.07 -11.43
C GLU C 99 22.71 21.25 -11.36
N LEU C 100 21.58 21.09 -10.66
CA LEU C 100 20.61 22.20 -10.55
C LEU C 100 21.21 23.39 -9.82
N ALA C 101 22.20 23.15 -8.94
CA ALA C 101 22.86 24.22 -8.19
C ALA C 101 24.08 24.80 -8.90
N ASN C 102 24.40 24.34 -10.11
CA ASN C 102 25.63 24.77 -10.76
C ASN C 102 25.65 26.29 -10.91
N GLY C 103 26.79 26.90 -10.55
CA GLY C 103 26.90 28.34 -10.53
C GLY C 103 26.29 29.02 -9.33
N GLY C 104 25.76 28.24 -8.39
CA GLY C 104 25.07 28.78 -7.23
C GLY C 104 25.43 28.02 -5.96
N THR C 105 24.43 27.83 -5.10
CA THR C 105 24.62 27.34 -3.74
C THR C 105 23.76 26.11 -3.51
N LEU C 106 24.36 25.06 -2.96
CA LEU C 106 23.65 23.86 -2.52
C LEU C 106 23.60 23.85 -0.99
N PHE C 107 22.39 23.84 -0.44
CA PHE C 107 22.17 23.84 1.00
C PHE C 107 21.86 22.41 1.45
N LEU C 108 22.82 21.76 2.09
CA LEU C 108 22.68 20.40 2.61
C LEU C 108 22.23 20.49 4.05
N ASP C 109 20.92 20.40 4.25
CA ASP C 109 20.32 20.47 5.57
C ASP C 109 20.36 19.10 6.23
N GLU C 110 20.40 19.10 7.56
CA GLU C 110 20.48 17.89 8.38
C GLU C 110 21.58 16.94 7.86
N ILE C 111 22.78 17.51 7.69
CA ILE C 111 23.90 16.74 7.13
C ILE C 111 24.23 15.54 8.00
N GLY C 112 23.92 15.58 9.29
CA GLY C 112 24.18 14.47 10.19
C GLY C 112 23.33 13.23 9.96
N ASP C 113 22.32 13.30 9.08
CA ASP C 113 21.56 12.15 8.65
C ASP C 113 22.09 11.55 7.36
N MET C 114 23.17 12.07 6.84
CA MET C 114 23.70 11.52 5.61
C MET C 114 24.38 10.19 5.89
N PRO C 115 24.06 9.13 5.14
CA PRO C 115 24.74 7.84 5.35
C PRO C 115 26.24 7.95 5.08
N LEU C 116 27.01 7.06 5.70
CA LEU C 116 28.46 7.08 5.51
C LEU C 116 28.91 6.91 4.07
N PRO C 117 28.34 5.99 3.26
CA PRO C 117 28.77 5.90 1.86
C PRO C 117 28.54 7.20 1.10
N MET C 118 27.40 7.84 1.37
CA MET C 118 27.11 9.13 0.77
C MET C 118 28.09 10.19 1.28
N GLN C 119 28.52 10.08 2.54
CA GLN C 119 29.54 10.99 3.05
C GLN C 119 30.84 10.89 2.24
N VAL C 120 31.26 9.66 1.92
CA VAL C 120 32.45 9.50 1.06
C VAL C 120 32.23 10.16 -0.29
N LYS C 121 31.06 9.94 -0.90
CA LYS C 121 30.82 10.54 -2.22
C LYS C 121 30.78 12.07 -2.15
N LEU C 122 30.17 12.61 -1.10
CA LEU C 122 30.15 14.06 -0.91
C LEU C 122 31.55 14.62 -0.73
N LEU C 123 32.39 13.92 0.04
CA LEU C 123 33.77 14.37 0.23
C LEU C 123 34.49 14.43 -1.10
N ARG C 124 34.28 13.42 -1.97
CA ARG C 124 34.91 13.43 -3.27
C ARG C 124 34.44 14.62 -4.10
N VAL C 125 33.14 14.92 -4.08
CA VAL C 125 32.64 16.05 -4.87
C VAL C 125 33.18 17.37 -4.31
N LEU C 126 33.34 17.47 -2.99
CA LEU C 126 33.93 18.66 -2.40
C LEU C 126 35.35 18.87 -2.89
N GLN C 127 36.16 17.81 -2.85
CA GLN C 127 37.58 17.92 -3.19
C GLN C 127 37.77 18.09 -4.70
N GLU C 128 37.28 17.13 -5.49
CA GLU C 128 37.55 17.08 -6.92
C GLU C 128 36.58 17.90 -7.76
N ARG C 129 35.47 18.34 -7.17
CA ARG C 129 34.44 19.13 -7.88
C ARG C 129 33.91 18.39 -9.10
N THR C 130 33.85 17.07 -9.01
CA THR C 130 33.27 16.22 -10.05
C THR C 130 32.44 15.14 -9.38
N PHE C 131 31.51 14.56 -10.15
CA PHE C 131 30.68 13.47 -9.65
C PHE C 131 30.18 12.67 -10.84
N GLU C 132 29.54 11.54 -10.55
CA GLU C 132 28.94 10.66 -11.54
C GLU C 132 27.47 10.46 -11.20
N ARG C 133 26.61 10.50 -12.21
CA ARG C 133 25.22 10.13 -11.99
C ARG C 133 25.14 8.66 -11.59
N VAL C 134 24.11 8.32 -10.83
CA VAL C 134 23.86 6.91 -10.54
C VAL C 134 23.61 6.19 -11.84
N GLY C 135 24.29 5.06 -12.02
CA GLY C 135 24.15 4.28 -13.23
C GLY C 135 25.02 4.74 -14.37
N SER C 136 26.05 5.54 -14.08
CA SER C 136 26.93 6.06 -15.12
C SER C 136 28.34 6.18 -14.55
N ASN C 137 29.32 6.22 -15.44
CA ASN C 137 30.71 6.50 -15.09
C ASN C 137 31.25 7.73 -15.79
N LYS C 138 30.39 8.47 -16.50
CA LYS C 138 30.80 9.73 -17.10
C LYS C 138 31.00 10.79 -16.03
N THR C 139 32.10 11.51 -16.14
CA THR C 139 32.46 12.54 -15.17
C THR C 139 31.68 13.82 -15.44
N GLN C 140 31.08 14.37 -14.38
CA GLN C 140 30.37 15.64 -14.42
C GLN C 140 31.16 16.67 -13.63
N ASN C 141 31.34 17.84 -14.20
CA ASN C 141 31.91 18.99 -13.49
C ASN C 141 30.78 19.90 -13.05
N VAL C 142 30.83 20.38 -11.81
CA VAL C 142 29.96 21.45 -11.35
C VAL C 142 30.74 22.38 -10.45
N ASP C 143 30.25 23.61 -10.35
CA ASP C 143 30.82 24.64 -9.50
C ASP C 143 29.70 25.06 -8.55
N VAL C 144 29.69 24.45 -7.37
CA VAL C 144 28.64 24.67 -6.40
C VAL C 144 29.30 25.07 -5.08
N ARG C 145 28.71 26.07 -4.43
CA ARG C 145 29.14 26.48 -3.10
C ARG C 145 28.28 25.76 -2.07
N ILE C 146 28.92 25.06 -1.14
CA ILE C 146 28.21 24.22 -0.17
C ILE C 146 27.95 24.98 1.11
N ILE C 147 26.68 25.01 1.51
CA ILE C 147 26.30 25.40 2.87
C ILE C 147 25.59 24.21 3.48
N ALA C 148 26.13 23.68 4.57
CA ALA C 148 25.54 22.55 5.26
C ALA C 148 25.03 23.00 6.62
N ALA C 149 24.10 22.23 7.16
CA ALA C 149 23.48 22.60 8.43
C ALA C 149 23.21 21.34 9.22
N THR C 150 23.33 21.44 10.54
CA THR C 150 23.00 20.30 11.37
C THR C 150 22.62 20.76 12.76
N HIS C 151 21.78 19.95 13.40
CA HIS C 151 21.44 20.13 14.81
C HIS C 151 22.16 19.12 15.69
N LYS C 152 22.96 18.23 15.11
CA LYS C 152 23.66 17.20 15.84
C LYS C 152 25.08 17.64 16.18
N ASN C 153 25.63 17.01 17.23
CA ASN C 153 27.04 17.19 17.61
C ASN C 153 27.87 16.32 16.67
N LEU C 154 28.43 16.92 15.62
CA LEU C 154 29.14 16.14 14.64
C LEU C 154 30.45 15.58 15.20
N GLU C 155 31.02 16.24 16.21
CA GLU C 155 32.31 15.77 16.73
C GLU C 155 32.14 14.46 17.51
N LYS C 156 31.14 14.38 18.38
CA LYS C 156 30.82 13.10 19.00
C LYS C 156 30.47 12.04 17.95
N MET C 157 29.79 12.44 16.87
CA MET C 157 29.54 11.49 15.78
C MET C 157 30.84 10.99 15.17
N ILE C 158 31.85 11.87 15.06
CA ILE C 158 33.16 11.44 14.60
C ILE C 158 33.76 10.45 15.60
N GLU C 159 33.64 10.75 16.90
CA GLU C 159 34.09 9.83 17.92
C GLU C 159 33.35 8.49 17.85
N ASP C 160 32.03 8.54 17.70
CA ASP C 160 31.25 7.31 17.56
C ASP C 160 31.46 6.62 16.21
N GLY C 161 32.16 7.24 15.27
CA GLY C 161 32.34 6.63 13.97
C GLY C 161 31.13 6.70 13.06
N THR C 162 30.15 7.54 13.37
CA THR C 162 28.98 7.71 12.53
C THR C 162 29.12 8.83 11.51
N PHE C 163 30.07 9.74 11.70
CA PHE C 163 30.34 10.82 10.75
C PHE C 163 31.83 10.85 10.46
N ARG C 164 32.20 11.21 9.23
CA ARG C 164 33.59 11.20 8.80
C ARG C 164 34.31 12.48 9.23
N GLU C 165 35.52 12.32 9.81
CA GLU C 165 36.29 13.48 10.24
C GLU C 165 36.75 14.33 9.07
N ASP C 166 37.16 13.71 7.96
CA ASP C 166 37.66 14.48 6.83
C ASP C 166 36.54 15.31 6.19
N LEU C 167 35.37 14.70 5.98
CA LEU C 167 34.21 15.47 5.52
C LEU C 167 33.89 16.61 6.46
N TYR C 168 33.96 16.37 7.77
CA TYR C 168 33.62 17.41 8.72
C TYR C 168 34.59 18.59 8.60
N TYR C 169 35.86 18.30 8.40
CA TYR C 169 36.82 19.40 8.30
C TYR C 169 36.67 20.14 6.97
N ARG C 170 36.29 19.43 5.90
CA ARG C 170 36.03 20.07 4.62
C ARG C 170 34.80 20.97 4.69
N LEU C 171 33.77 20.57 5.46
CA LEU C 171 32.56 21.39 5.55
C LEU C 171 32.73 22.58 6.49
N ASN C 172 33.50 22.42 7.57
CA ASN C 172 33.53 23.39 8.67
C ASN C 172 34.57 24.50 8.44
N VAL C 173 34.81 24.90 7.18
CA VAL C 173 35.75 25.99 6.94
C VAL C 173 35.26 27.27 7.60
N PHE C 174 34.02 27.66 7.31
CA PHE C 174 33.42 28.81 7.97
C PHE C 174 32.25 28.34 8.85
N PRO C 175 32.43 28.28 10.16
CA PRO C 175 31.34 27.83 11.05
C PRO C 175 30.48 29.00 11.50
N ILE C 176 29.20 28.67 11.71
CA ILE C 176 28.21 29.62 12.20
C ILE C 176 27.37 28.91 13.23
N GLU C 177 27.18 29.52 14.40
CA GLU C 177 26.35 28.96 15.46
C GLU C 177 25.06 29.76 15.58
N MET C 178 23.92 29.10 15.37
CA MET C 178 22.61 29.72 15.51
C MET C 178 22.13 29.60 16.95
N ALA C 179 21.88 30.73 17.58
CA ALA C 179 21.36 30.74 18.94
C ALA C 179 19.92 30.22 18.97
N PRO C 180 19.56 29.41 19.96
CA PRO C 180 18.15 29.02 20.09
C PRO C 180 17.30 30.23 20.45
N LEU C 181 16.01 30.15 20.10
CA LEU C 181 15.12 31.29 20.27
C LEU C 181 15.08 31.77 21.72
N ARG C 182 15.15 30.84 22.68
CA ARG C 182 15.03 31.22 24.07
C ARG C 182 16.21 32.07 24.56
N GLU C 183 17.35 32.05 23.87
CA GLU C 183 18.47 32.92 24.19
C GLU C 183 18.40 34.27 23.49
N ARG C 184 17.31 34.57 22.79
CA ARG C 184 17.20 35.84 22.09
C ARG C 184 15.74 36.26 22.01
N VAL C 185 15.02 36.18 23.13
CA VAL C 185 13.60 36.49 23.12
C VAL C 185 13.35 37.98 22.88
N GLU C 186 14.36 38.83 23.12
CA GLU C 186 14.24 40.23 22.74
C GLU C 186 13.94 40.40 21.25
N ASP C 187 14.23 39.40 20.43
CA ASP C 187 13.95 39.45 19.00
C ASP C 187 12.53 39.09 18.64
N ILE C 188 11.77 38.51 19.56
CA ILE C 188 10.50 37.88 19.19
C ILE C 188 9.55 38.90 18.60
N ALA C 189 9.40 40.05 19.25
CA ALA C 189 8.55 41.09 18.71
C ALA C 189 8.90 41.35 17.25
N LEU C 190 10.18 41.61 16.99
CA LEU C 190 10.61 41.88 15.62
C LEU C 190 10.29 40.67 14.72
N LEU C 191 10.61 39.46 15.18
CA LEU C 191 10.31 38.27 14.38
C LEU C 191 8.82 38.20 14.07
N LEU C 192 7.98 38.50 15.06
CA LEU C 192 6.54 38.42 14.83
C LEU C 192 6.14 39.37 13.72
N ASN C 193 6.65 40.61 13.77
CA ASN C 193 6.30 41.58 12.76
C ASN C 193 6.75 41.10 11.40
N GLU C 194 7.91 40.42 11.35
CA GLU C 194 8.38 39.92 10.07
C GLU C 194 7.48 38.79 9.59
N LEU C 195 7.15 37.87 10.49
CA LEU C 195 6.35 36.72 10.08
C LEU C 195 4.99 37.19 9.57
N ILE C 196 4.26 37.93 10.42
CA ILE C 196 2.98 38.50 10.01
C ILE C 196 3.12 39.24 8.70
N SER C 197 4.18 40.05 8.56
CA SER C 197 4.27 40.88 7.36
C SER C 197 4.36 40.00 6.13
N ARG C 198 5.22 38.98 6.18
CA ARG C 198 5.31 38.07 5.06
C ARG C 198 3.99 37.35 4.86
N MET C 199 3.38 36.92 5.98
CA MET C 199 2.08 36.26 5.90
C MET C 199 1.06 37.15 5.20
N GLU C 200 1.13 38.46 5.41
CA GLU C 200 0.15 39.31 4.75
C GLU C 200 0.51 39.51 3.27
N HIS C 201 1.82 39.63 2.98
CA HIS C 201 2.23 39.92 1.61
C HIS C 201 1.99 38.73 0.70
N GLU C 202 1.89 37.54 1.26
CA GLU C 202 1.55 36.33 0.52
C GLU C 202 0.06 36.00 0.63
N LYS C 203 -0.72 36.88 1.26
CA LYS C 203 -2.17 36.75 1.39
C LYS C 203 -2.57 35.46 2.10
N ARG C 204 -1.73 35.00 3.03
CA ARG C 204 -2.03 33.83 3.84
C ARG C 204 -2.76 34.17 5.12
N GLY C 205 -3.00 35.45 5.41
CA GLY C 205 -3.74 35.81 6.60
C GLY C 205 -3.20 37.04 7.29
N SER C 206 -3.78 37.37 8.45
CA SER C 206 -3.39 38.57 9.17
C SER C 206 -3.70 38.40 10.65
N ILE C 207 -2.77 38.85 11.49
CA ILE C 207 -2.93 38.75 12.93
C ILE C 207 -2.13 39.88 13.57
N ARG C 208 -2.51 40.24 14.79
CA ARG C 208 -1.73 41.16 15.63
C ARG C 208 -1.67 40.57 17.02
N PHE C 209 -0.62 40.93 17.75
CA PHE C 209 -0.48 40.53 19.15
C PHE C 209 -0.51 41.79 20.01
N ASN C 210 -1.18 41.74 21.16
CA ASN C 210 -1.03 42.83 22.10
C ASN C 210 0.18 42.55 22.98
N SER C 211 0.53 43.53 23.83
CA SER C 211 1.81 43.46 24.55
C SER C 211 1.84 42.33 25.57
N ALA C 212 0.70 42.02 26.20
CA ALA C 212 0.67 40.92 27.16
C ALA C 212 0.91 39.58 26.48
N ALA C 213 0.26 39.35 25.33
CA ALA C 213 0.53 38.14 24.56
C ALA C 213 2.01 38.02 24.23
N ILE C 214 2.64 39.13 23.82
CA ILE C 214 4.06 39.10 23.49
C ILE C 214 4.89 38.76 24.72
N MET C 215 4.52 39.30 25.87
CA MET C 215 5.22 38.94 27.12
C MET C 215 5.13 37.44 27.37
N SER C 216 3.92 36.90 27.27
CA SER C 216 3.71 35.46 27.45
C SER C 216 4.57 34.65 26.48
N LEU C 217 4.60 35.06 25.20
CA LEU C 217 5.41 34.35 24.20
C LEU C 217 6.89 34.43 24.53
N CYS C 218 7.35 35.60 24.98
CA CYS C 218 8.74 35.72 25.39
C CYS C 218 9.06 34.83 26.59
N ARG C 219 8.05 34.46 27.36
CA ARG C 219 8.28 33.55 28.46
C ARG C 219 8.35 32.07 28.04
N HIS C 220 8.24 31.77 26.76
CA HIS C 220 8.12 30.41 26.27
C HIS C 220 9.48 29.75 26.08
N ASP C 221 9.48 28.42 26.10
CA ASP C 221 10.71 27.63 25.98
C ASP C 221 11.15 27.45 24.52
N TRP C 222 10.20 27.44 23.59
CA TRP C 222 10.47 27.29 22.15
C TRP C 222 11.33 26.08 21.81
N PRO C 223 10.87 24.86 22.13
CA PRO C 223 11.60 23.67 21.67
C PRO C 223 11.79 23.63 20.17
N GLY C 224 10.84 24.17 19.43
CA GLY C 224 10.93 24.20 17.98
C GLY C 224 11.52 25.49 17.45
N ASN C 225 12.16 26.23 18.35
CA ASN C 225 12.80 27.51 18.00
C ASN C 225 11.87 28.42 17.20
N VAL C 226 12.42 29.04 16.15
CA VAL C 226 11.64 29.95 15.31
C VAL C 226 10.51 29.22 14.59
N ARG C 227 10.85 28.13 13.90
CA ARG C 227 9.87 27.36 13.16
C ARG C 227 8.58 27.20 13.97
N GLU C 228 8.71 26.90 15.26
CA GLU C 228 7.54 26.76 16.12
C GLU C 228 6.81 28.09 16.25
N LEU C 229 7.55 29.19 16.39
CA LEU C 229 6.93 30.52 16.39
C LEU C 229 6.15 30.78 15.11
N ALA C 230 6.74 30.46 13.96
CA ALA C 230 6.08 30.72 12.68
C ALA C 230 4.83 29.84 12.53
N ASN C 231 4.91 28.58 12.95
CA ASN C 231 3.74 27.72 12.93
C ASN C 231 2.64 28.26 13.83
N LEU C 232 3.02 28.87 14.96
CA LEU C 232 2.02 29.46 15.83
C LEU C 232 1.35 30.66 15.19
N VAL C 233 2.13 31.54 14.55
CA VAL C 233 1.53 32.67 13.84
C VAL C 233 0.53 32.17 12.79
N GLU C 234 0.96 31.22 11.96
CA GLU C 234 0.10 30.70 10.91
C GLU C 234 -1.16 30.07 11.49
N ARG C 235 -1.02 29.36 12.61
CA ARG C 235 -2.16 28.71 13.23
C ARG C 235 -3.15 29.72 13.82
N LEU C 236 -2.67 30.73 14.53
CA LEU C 236 -3.59 31.73 15.10
C LEU C 236 -4.24 32.55 14.00
N ALA C 237 -3.52 32.83 12.91
CA ALA C 237 -4.12 33.58 11.81
C ALA C 237 -5.23 32.79 11.13
N ILE C 238 -5.02 31.48 10.97
CA ILE C 238 -6.11 30.65 10.46
C ILE C 238 -7.23 30.57 11.49
N MET C 239 -6.90 30.69 12.76
CA MET C 239 -7.86 30.49 13.85
C MET C 239 -8.68 31.74 14.12
N HIS C 240 -8.02 32.90 14.28
CA HIS C 240 -8.67 34.19 14.50
C HIS C 240 -8.32 35.11 13.32
N PRO C 241 -9.03 35.01 12.20
CA PRO C 241 -8.64 35.82 11.03
C PRO C 241 -8.73 37.31 11.35
N TYR C 242 -7.62 38.02 11.11
CA TYR C 242 -7.53 39.46 11.36
C TYR C 242 -7.81 39.79 12.83
N GLY C 243 -7.53 38.85 13.73
CA GLY C 243 -7.80 39.08 15.13
C GLY C 243 -6.62 39.69 15.87
N VAL C 244 -6.88 40.05 17.12
CA VAL C 244 -5.86 40.53 18.05
C VAL C 244 -5.70 39.46 19.13
N ILE C 245 -4.49 38.91 19.22
CA ILE C 245 -4.23 37.79 20.12
C ILE C 245 -3.86 38.34 21.50
N GLY C 246 -4.64 37.96 22.50
CA GLY C 246 -4.34 38.24 23.89
C GLY C 246 -3.70 37.06 24.57
N VAL C 247 -4.10 36.80 25.80
CA VAL C 247 -3.52 35.68 26.53
C VAL C 247 -4.50 34.53 26.55
N GLY C 248 -5.80 34.85 26.46
CA GLY C 248 -6.82 33.81 26.42
C GLY C 248 -6.82 33.03 25.12
N GLU C 249 -6.26 33.60 24.05
CA GLU C 249 -6.20 32.97 22.74
C GLU C 249 -4.91 32.17 22.53
N LEU C 250 -4.25 31.79 23.62
CA LEU C 250 -2.86 31.36 23.61
C LEU C 250 -2.66 30.34 24.73
N PRO C 251 -3.56 29.36 24.90
CA PRO C 251 -3.93 28.93 26.26
C PRO C 251 -3.17 27.79 26.93
N LYS C 252 -2.65 26.81 26.18
CA LYS C 252 -1.82 25.78 26.80
C LYS C 252 -0.40 25.91 26.25
N LYS C 253 0.58 25.83 27.15
CA LYS C 253 2.00 25.80 26.82
C LYS C 253 2.49 27.10 26.21
N PHE C 254 1.59 28.07 25.95
CA PHE C 254 1.99 29.45 25.65
C PHE C 254 1.43 30.40 26.71
N ARG C 255 0.92 29.87 27.82
CA ARG C 255 -0.08 30.54 28.65
C ARG C 255 0.50 31.34 29.80
N HIS C 256 1.81 31.50 29.86
CA HIS C 256 2.41 31.95 31.10
C HIS C 256 2.00 33.37 31.42
N VAL C 257 1.08 33.50 32.36
CA VAL C 257 0.81 34.76 33.04
C VAL C 257 0.41 34.44 34.47
N LEU D 6 -9.02 -40.98 0.00
CA LEU D 6 -9.09 -40.35 -1.31
C LEU D 6 -7.85 -40.73 -2.13
N PHE D 7 -7.47 -41.99 -1.97
CA PHE D 7 -6.37 -42.58 -2.73
C PHE D 7 -6.97 -43.40 -3.87
N ARG D 8 -6.70 -42.99 -5.09
CA ARG D 8 -7.08 -43.76 -6.25
C ARG D 8 -5.88 -43.81 -7.17
N SER D 9 -5.60 -44.97 -7.73
CA SER D 9 -4.60 -45.02 -8.78
C SER D 9 -5.03 -44.07 -9.89
N LEU D 10 -4.06 -43.36 -10.46
CA LEU D 10 -4.33 -42.46 -11.56
C LEU D 10 -5.27 -43.13 -12.56
N VAL D 11 -6.33 -42.42 -12.93
CA VAL D 11 -7.30 -43.00 -13.84
C VAL D 11 -6.83 -42.82 -15.28
N GLY D 12 -7.39 -43.63 -16.16
CA GLY D 12 -7.10 -43.48 -17.57
C GLY D 12 -6.58 -44.77 -18.18
N THR D 13 -6.74 -44.90 -19.49
CA THR D 13 -6.26 -46.06 -20.24
C THR D 13 -5.09 -45.74 -21.15
N SER D 14 -4.65 -44.47 -21.19
CA SER D 14 -3.61 -44.08 -22.11
C SER D 14 -2.29 -44.77 -21.79
N ARG D 15 -1.40 -44.79 -22.79
CA ARG D 15 -0.04 -45.28 -22.60
C ARG D 15 0.71 -44.40 -21.60
N ALA D 16 0.52 -43.08 -21.74
CA ALA D 16 1.25 -42.13 -20.91
C ALA D 16 0.97 -42.36 -19.43
N ILE D 17 -0.31 -42.56 -19.09
CA ILE D 17 -0.64 -42.68 -17.68
C ILE D 17 -0.18 -44.02 -17.13
N GLN D 18 -0.16 -45.07 -17.96
CA GLN D 18 0.38 -46.32 -17.48
C GLN D 18 1.87 -46.20 -17.22
N GLN D 19 2.60 -45.46 -18.06
CA GLN D 19 4.00 -45.18 -17.75
C GLN D 19 4.13 -44.49 -16.40
N VAL D 20 3.25 -43.51 -16.13
CA VAL D 20 3.34 -42.80 -14.85
C VAL D 20 3.06 -43.76 -13.69
N ARG D 21 2.08 -44.65 -13.85
CA ARG D 21 1.79 -45.61 -12.78
C ARG D 21 2.98 -46.55 -12.55
N GLN D 22 3.70 -46.92 -13.61
CA GLN D 22 4.88 -47.76 -13.43
C GLN D 22 6.00 -47.00 -12.72
N MET D 23 6.20 -45.73 -13.07
CA MET D 23 7.15 -44.88 -12.35
C MET D 23 6.78 -44.77 -10.87
N MET D 24 5.48 -44.70 -10.56
CA MET D 24 5.05 -44.64 -9.17
C MET D 24 5.37 -45.94 -8.46
N GLN D 25 5.05 -47.07 -9.09
CA GLN D 25 5.36 -48.38 -8.50
C GLN D 25 6.86 -48.54 -8.25
N GLN D 26 7.69 -47.95 -9.10
CA GLN D 26 9.14 -48.01 -8.89
C GLN D 26 9.54 -47.53 -7.50
N VAL D 27 8.90 -46.46 -6.99
CA VAL D 27 9.31 -45.85 -5.73
C VAL D 27 8.31 -46.07 -4.61
N ALA D 28 7.17 -46.72 -4.89
CA ALA D 28 6.09 -46.80 -3.91
C ALA D 28 6.50 -47.56 -2.66
N ASP D 29 7.34 -48.59 -2.81
CA ASP D 29 7.71 -49.45 -1.70
C ASP D 29 9.01 -49.03 -1.03
N THR D 30 9.66 -47.98 -1.51
CA THR D 30 10.85 -47.43 -0.86
C THR D 30 10.44 -46.24 -0.01
N ASP D 31 11.31 -45.87 0.93
CA ASP D 31 11.13 -44.66 1.71
C ASP D 31 12.07 -43.55 1.26
N ALA D 32 12.56 -43.61 0.03
CA ALA D 32 13.52 -42.63 -0.44
C ALA D 32 12.81 -41.38 -0.91
N SER D 33 13.59 -40.31 -1.08
CA SER D 33 13.03 -39.09 -1.65
C SER D 33 12.60 -39.35 -3.09
N VAL D 34 11.56 -38.63 -3.52
CA VAL D 34 10.98 -38.82 -4.83
C VAL D 34 11.07 -37.48 -5.57
N LEU D 35 11.22 -37.55 -6.89
CA LEU D 35 11.23 -36.37 -7.73
C LEU D 35 10.17 -36.50 -8.81
N ILE D 36 9.30 -35.49 -8.92
CA ILE D 36 8.18 -35.49 -9.86
C ILE D 36 8.39 -34.34 -10.85
N LEU D 37 8.62 -34.70 -12.11
CA LEU D 37 8.81 -33.79 -13.22
C LEU D 37 7.57 -33.76 -14.09
N GLY D 38 7.34 -32.63 -14.74
CA GLY D 38 6.18 -32.49 -15.60
C GLY D 38 5.71 -31.05 -15.65
N GLU D 39 4.97 -30.75 -16.71
CA GLU D 39 4.42 -29.42 -16.92
C GLU D 39 3.54 -29.00 -15.75
N SER D 40 3.49 -27.70 -15.52
CA SER D 40 2.62 -27.13 -14.51
C SER D 40 1.19 -27.64 -14.69
N GLY D 41 0.58 -28.02 -13.57
CA GLY D 41 -0.80 -28.47 -13.57
C GLY D 41 -1.02 -29.93 -13.89
N THR D 42 0.04 -30.73 -14.04
CA THR D 42 -0.09 -32.15 -14.43
C THR D 42 -0.72 -33.04 -13.37
N GLY D 43 -0.74 -32.63 -12.11
CA GLY D 43 -1.33 -33.53 -11.10
C GLY D 43 -0.36 -34.08 -10.08
N LYS D 44 0.72 -33.33 -9.81
CA LYS D 44 1.80 -33.90 -9.00
C LYS D 44 1.39 -34.12 -7.55
N GLU D 45 0.53 -33.26 -6.99
CA GLU D 45 0.15 -33.46 -5.60
C GLU D 45 -0.72 -34.70 -5.42
N VAL D 46 -1.54 -35.05 -6.42
CA VAL D 46 -2.28 -36.32 -6.35
C VAL D 46 -1.31 -37.48 -6.28
N VAL D 47 -0.26 -37.45 -7.13
CA VAL D 47 0.78 -38.48 -7.10
C VAL D 47 1.43 -38.54 -5.72
N ALA D 48 1.83 -37.38 -5.18
CA ALA D 48 2.51 -37.36 -3.89
C ALA D 48 1.62 -37.90 -2.77
N ARG D 49 0.34 -37.56 -2.77
CA ARG D 49 -0.55 -38.07 -1.72
C ARG D 49 -0.85 -39.56 -1.91
N ASN D 50 -0.89 -40.02 -3.16
CA ASN D 50 -1.02 -41.46 -3.41
C ASN D 50 0.18 -42.20 -2.86
N LEU D 51 1.39 -41.73 -3.17
CA LEU D 51 2.62 -42.32 -2.61
C LEU D 51 2.57 -42.32 -1.09
N HIS D 52 2.17 -41.19 -0.50
CA HIS D 52 2.05 -41.08 0.95
C HIS D 52 1.14 -42.16 1.52
N TYR D 53 -0.03 -42.35 0.90
CA TYR D 53 -0.96 -43.37 1.39
C TYR D 53 -0.36 -44.76 1.29
N HIS D 54 0.37 -45.04 0.21
CA HIS D 54 0.98 -46.34 -0.03
C HIS D 54 2.40 -46.40 0.54
N SER D 55 2.52 -46.08 1.82
CA SER D 55 3.81 -46.08 2.50
C SER D 55 3.55 -46.24 3.99
N LYS D 56 4.61 -46.61 4.71
CA LYS D 56 4.50 -46.73 6.16
C LYS D 56 4.08 -45.41 6.82
N ARG D 57 4.33 -44.28 6.16
CA ARG D 57 3.99 -42.96 6.67
C ARG D 57 2.53 -42.61 6.44
N ARG D 58 1.70 -43.56 6.02
CA ARG D 58 0.31 -43.29 5.64
C ARG D 58 -0.43 -42.48 6.71
N GLU D 59 -0.26 -42.86 7.97
CA GLU D 59 -0.99 -42.21 9.05
C GLU D 59 -0.30 -40.96 9.56
N GLY D 60 0.89 -40.64 9.05
CA GLY D 60 1.57 -39.43 9.46
C GLY D 60 1.12 -38.23 8.67
N PRO D 61 1.71 -37.08 8.98
CA PRO D 61 1.32 -35.83 8.32
C PRO D 61 1.80 -35.77 6.88
N PHE D 62 0.97 -35.16 6.03
CA PHE D 62 1.38 -34.76 4.69
C PHE D 62 1.39 -33.24 4.67
N VAL D 63 2.56 -32.65 4.42
CA VAL D 63 2.73 -31.21 4.52
C VAL D 63 3.17 -30.69 3.16
N PRO D 64 2.40 -29.83 2.51
CA PRO D 64 2.87 -29.24 1.25
C PRO D 64 3.52 -27.88 1.47
N VAL D 65 4.54 -27.56 0.67
CA VAL D 65 5.12 -26.23 0.57
C VAL D 65 5.26 -25.93 -0.92
N ASN D 66 4.92 -24.72 -1.32
CA ASN D 66 5.12 -24.30 -2.70
C ASN D 66 6.16 -23.18 -2.70
N CYS D 67 7.39 -23.52 -3.13
CA CYS D 67 8.47 -22.54 -3.18
C CYS D 67 8.18 -21.41 -4.15
N GLY D 68 7.33 -21.63 -5.15
CA GLY D 68 6.97 -20.57 -6.08
C GLY D 68 5.85 -19.66 -5.60
N ALA D 69 5.25 -19.98 -4.46
CA ALA D 69 4.14 -19.21 -3.90
C ALA D 69 4.53 -18.50 -2.60
N ILE D 70 5.81 -18.54 -2.23
CA ILE D 70 6.34 -17.98 -0.98
C ILE D 70 7.52 -17.09 -1.35
N PRO D 71 7.56 -15.82 -0.91
CA PRO D 71 8.72 -14.97 -1.23
C PRO D 71 10.02 -15.60 -0.76
N ALA D 72 11.10 -15.30 -1.49
CA ALA D 72 12.40 -15.88 -1.17
C ALA D 72 12.81 -15.58 0.27
N GLU D 73 12.57 -14.36 0.72
CA GLU D 73 12.99 -13.96 2.06
C GLU D 73 12.20 -14.65 3.16
N LEU D 74 11.02 -15.20 2.86
CA LEU D 74 10.15 -15.85 3.84
C LEU D 74 10.27 -17.37 3.88
N LEU D 75 10.94 -17.96 2.88
CA LEU D 75 10.91 -19.41 2.75
C LEU D 75 11.64 -20.11 3.89
N GLU D 76 12.77 -19.55 4.34
CA GLU D 76 13.56 -20.19 5.40
C GLU D 76 12.72 -20.33 6.67
N SER D 77 12.03 -19.26 7.04
CA SER D 77 11.16 -19.33 8.21
C SER D 77 10.01 -20.32 7.97
N GLU D 78 9.42 -20.32 6.77
CA GLU D 78 8.35 -21.29 6.51
C GLU D 78 8.84 -22.73 6.68
N LEU D 79 10.02 -23.03 6.16
CA LEU D 79 10.53 -24.40 6.13
C LEU D 79 10.98 -24.86 7.51
N PHE D 80 11.76 -24.01 8.22
CA PHE D 80 12.45 -24.44 9.43
C PHE D 80 11.91 -23.81 10.70
N GLY D 81 10.97 -22.87 10.61
CA GLY D 81 10.39 -22.29 11.80
C GLY D 81 11.36 -21.31 12.42
N HIS D 82 10.95 -20.75 13.56
CA HIS D 82 11.75 -19.70 14.17
C HIS D 82 11.41 -19.57 15.65
N GLU D 83 12.32 -18.93 16.38
CA GLU D 83 12.18 -18.63 17.80
C GLU D 83 11.72 -17.19 17.96
N LYS D 84 10.97 -16.94 19.05
CA LYS D 84 10.35 -15.63 19.23
C LYS D 84 11.34 -14.47 19.15
N GLY D 85 12.51 -14.60 19.73
CA GLY D 85 13.25 -13.33 19.57
C GLY D 85 13.95 -13.05 18.24
N ALA D 86 13.77 -13.89 17.21
CA ALA D 86 14.82 -14.16 16.22
C ALA D 86 15.04 -13.04 15.22
N PHE D 87 13.99 -12.35 14.79
CA PHE D 87 14.07 -11.29 13.80
C PHE D 87 12.81 -10.46 13.92
N THR D 88 12.77 -9.32 13.24
CA THR D 88 11.78 -8.30 13.57
C THR D 88 10.35 -8.85 13.59
N GLY D 89 9.95 -9.57 12.53
CA GLY D 89 8.60 -10.12 12.56
C GLY D 89 8.33 -11.40 13.34
N ALA D 90 9.31 -11.97 14.04
CA ALA D 90 9.11 -13.24 14.76
C ALA D 90 8.43 -12.97 16.10
N ILE D 91 7.11 -12.76 16.08
CA ILE D 91 6.44 -12.38 17.32
C ILE D 91 6.09 -13.58 18.19
N THR D 92 6.11 -14.80 17.65
CA THR D 92 5.96 -16.02 18.42
C THR D 92 7.03 -17.00 17.99
N SER D 93 7.16 -18.09 18.74
CA SER D 93 7.98 -19.23 18.36
C SER D 93 7.09 -20.26 17.68
N ARG D 94 7.57 -20.82 16.57
CA ARG D 94 6.71 -21.74 15.82
C ARG D 94 7.53 -22.77 15.06
N ALA D 95 6.99 -23.99 15.00
CA ALA D 95 7.57 -25.02 14.15
C ALA D 95 7.28 -24.72 12.68
N GLY D 96 8.26 -25.01 11.84
CA GLY D 96 8.12 -24.86 10.40
C GLY D 96 7.57 -26.12 9.75
N ARG D 97 7.64 -26.14 8.41
CA ARG D 97 7.00 -27.23 7.67
C ARG D 97 7.71 -28.55 7.89
N PHE D 98 9.06 -28.52 7.97
CA PHE D 98 9.80 -29.75 8.18
C PHE D 98 9.41 -30.42 9.49
N GLU D 99 9.41 -29.64 10.57
CA GLU D 99 9.01 -30.16 11.87
C GLU D 99 7.57 -30.65 11.86
N LEU D 100 6.68 -29.92 11.17
CA LEU D 100 5.30 -30.39 11.07
C LEU D 100 5.18 -31.66 10.24
N ALA D 101 6.15 -31.94 9.37
CA ALA D 101 6.13 -33.12 8.54
C ALA D 101 6.75 -34.35 9.21
N ASN D 102 7.20 -34.23 10.45
CA ASN D 102 7.94 -35.31 11.09
C ASN D 102 7.09 -36.55 11.21
N GLY D 103 7.67 -37.69 10.84
CA GLY D 103 6.92 -38.93 10.79
C GLY D 103 6.07 -39.07 9.55
N GLY D 104 6.18 -38.14 8.60
CA GLY D 104 5.32 -38.14 7.44
C GLY D 104 6.08 -37.70 6.20
N THR D 105 5.40 -36.95 5.34
CA THR D 105 5.93 -36.62 4.02
C THR D 105 5.83 -35.12 3.79
N LEU D 106 6.89 -34.55 3.22
CA LEU D 106 6.94 -33.14 2.87
C LEU D 106 6.94 -33.05 1.34
N PHE D 107 5.85 -32.50 0.80
CA PHE D 107 5.71 -32.28 -0.63
C PHE D 107 6.24 -30.87 -0.96
N LEU D 108 7.44 -30.83 -1.56
CA LEU D 108 8.17 -29.61 -1.89
C LEU D 108 7.94 -29.27 -3.37
N ASP D 109 6.91 -28.48 -3.65
CA ASP D 109 6.51 -28.21 -5.02
C ASP D 109 7.20 -26.96 -5.54
N GLU D 110 7.39 -26.91 -6.87
CA GLU D 110 8.12 -25.83 -7.54
C GLU D 110 9.49 -25.58 -6.90
N ILE D 111 10.24 -26.66 -6.71
CA ILE D 111 11.59 -26.57 -6.15
C ILE D 111 12.52 -25.82 -7.09
N GLY D 112 12.16 -25.70 -8.37
CA GLY D 112 12.90 -24.82 -9.27
C GLY D 112 12.88 -23.36 -8.87
N ASP D 113 12.01 -22.95 -7.95
CA ASP D 113 12.01 -21.61 -7.41
C ASP D 113 12.69 -21.51 -6.06
N MET D 114 13.23 -22.60 -5.56
CA MET D 114 13.90 -22.55 -4.27
C MET D 114 15.23 -21.80 -4.43
N PRO D 115 15.49 -20.79 -3.60
CA PRO D 115 16.79 -20.10 -3.69
C PRO D 115 17.93 -21.05 -3.31
N LEU D 116 19.13 -20.68 -3.78
CA LEU D 116 20.30 -21.54 -3.57
C LEU D 116 20.66 -21.76 -2.10
N PRO D 117 20.59 -20.77 -1.20
CA PRO D 117 20.85 -21.08 0.22
C PRO D 117 19.87 -22.09 0.80
N MET D 118 18.60 -22.00 0.39
CA MET D 118 17.65 -22.99 0.86
C MET D 118 17.92 -24.34 0.22
N GLN D 119 18.44 -24.38 -1.01
CA GLN D 119 18.84 -25.68 -1.57
C GLN D 119 19.96 -26.29 -0.75
N VAL D 120 20.86 -25.45 -0.24
CA VAL D 120 21.94 -25.94 0.62
C VAL D 120 21.36 -26.55 1.90
N LYS D 121 20.47 -25.82 2.57
CA LYS D 121 19.85 -26.34 3.79
C LYS D 121 18.97 -27.58 3.51
N LEU D 122 18.27 -27.62 2.37
CA LEU D 122 17.51 -28.80 1.99
C LEU D 122 18.43 -30.01 1.84
N LEU D 123 19.59 -29.81 1.21
CA LEU D 123 20.56 -30.89 1.09
C LEU D 123 21.04 -31.35 2.45
N ARG D 124 21.24 -30.39 3.38
CA ARG D 124 21.60 -30.77 4.75
C ARG D 124 20.53 -31.62 5.39
N VAL D 125 19.26 -31.31 5.17
CA VAL D 125 18.20 -32.17 5.70
C VAL D 125 18.26 -33.54 5.07
N LEU D 126 18.45 -33.60 3.75
CA LEU D 126 18.46 -34.88 3.06
C LEU D 126 19.59 -35.77 3.55
N GLN D 127 20.75 -35.18 3.88
CA GLN D 127 21.95 -35.95 4.20
C GLN D 127 22.15 -36.18 5.69
N GLU D 128 21.83 -35.22 6.55
CA GLU D 128 22.05 -35.36 7.98
C GLU D 128 20.77 -35.57 8.77
N ARG D 129 19.62 -35.30 8.17
CA ARG D 129 18.32 -35.39 8.84
C ARG D 129 18.22 -34.41 10.02
N THR D 130 18.83 -33.23 9.88
CA THR D 130 18.80 -32.23 10.94
C THR D 130 18.60 -30.84 10.35
N PHE D 131 18.18 -29.91 11.21
CA PHE D 131 17.97 -28.52 10.86
C PHE D 131 17.92 -27.70 12.14
N GLU D 132 17.95 -26.39 11.99
CA GLU D 132 17.74 -25.47 13.12
C GLU D 132 16.67 -24.46 12.77
N ARG D 133 15.79 -24.16 13.73
CA ARG D 133 14.88 -23.02 13.58
C ARG D 133 15.69 -21.75 13.43
N VAL D 134 15.13 -20.78 12.71
CA VAL D 134 15.80 -19.49 12.60
C VAL D 134 15.86 -18.83 13.97
N GLY D 135 17.00 -18.18 14.25
CA GLY D 135 17.22 -17.57 15.53
C GLY D 135 17.62 -18.54 16.62
N SER D 136 17.83 -19.80 16.28
CA SER D 136 18.32 -20.80 17.20
C SER D 136 19.31 -21.68 16.46
N ASN D 137 20.32 -22.16 17.16
CA ASN D 137 21.22 -23.13 16.52
C ASN D 137 21.34 -24.37 17.39
N LYS D 138 20.31 -24.65 18.18
CA LYS D 138 20.08 -25.97 18.73
C LYS D 138 19.62 -26.91 17.62
N THR D 139 20.30 -28.04 17.47
CA THR D 139 20.02 -28.97 16.39
C THR D 139 18.79 -29.81 16.68
N GLN D 140 17.93 -29.95 15.68
CA GLN D 140 16.72 -30.76 15.77
C GLN D 140 16.75 -31.87 14.73
N ASN D 141 16.19 -33.02 15.11
CA ASN D 141 16.06 -34.17 14.24
C ASN D 141 14.70 -34.17 13.55
N VAL D 142 14.66 -34.69 12.33
CA VAL D 142 13.41 -34.85 11.60
C VAL D 142 13.47 -36.14 10.80
N ASP D 143 12.37 -36.88 10.82
CA ASP D 143 12.19 -38.11 10.05
C ASP D 143 11.07 -37.84 9.05
N VAL D 144 11.45 -37.30 7.89
CA VAL D 144 10.51 -36.87 6.87
C VAL D 144 10.96 -37.43 5.54
N ARG D 145 10.00 -37.86 4.72
CA ARG D 145 10.28 -38.23 3.34
C ARG D 145 9.98 -37.03 2.44
N ILE D 146 10.94 -36.66 1.60
CA ILE D 146 10.80 -35.50 0.72
C ILE D 146 10.31 -35.98 -0.64
N ILE D 147 9.19 -35.43 -1.09
CA ILE D 147 8.71 -35.61 -2.46
C ILE D 147 8.77 -34.23 -3.11
N ALA D 148 9.72 -34.03 -4.01
CA ALA D 148 9.93 -32.74 -4.63
C ALA D 148 9.33 -32.72 -6.03
N ALA D 149 9.02 -31.51 -6.51
CA ALA D 149 8.40 -31.41 -7.83
C ALA D 149 8.83 -30.12 -8.51
N THR D 150 8.93 -30.20 -9.84
CA THR D 150 9.27 -29.00 -10.60
C THR D 150 8.75 -29.15 -12.02
N HIS D 151 8.47 -28.00 -12.65
CA HIS D 151 8.14 -27.96 -14.08
C HIS D 151 9.28 -27.39 -14.91
N LYS D 152 10.42 -27.09 -14.31
CA LYS D 152 11.53 -26.51 -15.02
C LYS D 152 12.52 -27.59 -15.46
N ASN D 153 13.40 -27.21 -16.38
CA ASN D 153 14.50 -28.06 -16.83
C ASN D 153 15.64 -27.91 -15.84
N LEU D 154 15.79 -28.87 -14.93
CA LEU D 154 16.81 -28.75 -13.90
C LEU D 154 18.21 -28.77 -14.48
N GLU D 155 18.42 -29.46 -15.60
CA GLU D 155 19.76 -29.51 -16.19
C GLU D 155 20.15 -28.15 -16.77
N LYS D 156 19.19 -27.45 -17.37
CA LYS D 156 19.46 -26.08 -17.82
C LYS D 156 19.68 -25.15 -16.64
N MET D 157 18.96 -25.36 -15.53
CA MET D 157 19.20 -24.54 -14.34
C MET D 157 20.59 -24.78 -13.78
N ILE D 158 21.06 -26.03 -13.80
CA ILE D 158 22.43 -26.29 -13.39
C ILE D 158 23.40 -25.51 -14.26
N GLU D 159 23.16 -25.51 -15.58
CA GLU D 159 24.08 -24.79 -16.46
C GLU D 159 24.00 -23.27 -16.27
N ASP D 160 22.82 -22.74 -15.89
CA ASP D 160 22.69 -21.32 -15.60
C ASP D 160 23.20 -20.93 -14.22
N GLY D 161 23.50 -21.91 -13.37
CA GLY D 161 23.92 -21.63 -12.02
C GLY D 161 22.79 -21.38 -11.05
N THR D 162 21.56 -21.73 -11.42
CA THR D 162 20.42 -21.46 -10.57
C THR D 162 19.93 -22.69 -9.82
N PHE D 163 20.57 -23.85 -10.00
CA PHE D 163 20.21 -25.03 -9.24
C PHE D 163 21.47 -25.85 -8.97
N ARG D 164 21.61 -26.32 -7.73
CA ARG D 164 22.83 -26.97 -7.28
C ARG D 164 22.96 -28.36 -7.90
N GLU D 165 24.16 -28.68 -8.41
CA GLU D 165 24.37 -29.96 -9.06
C GLU D 165 24.22 -31.11 -8.07
N ASP D 166 24.77 -30.97 -6.86
CA ASP D 166 24.74 -32.07 -5.90
C ASP D 166 23.30 -32.41 -5.48
N LEU D 167 22.48 -31.40 -5.22
CA LEU D 167 21.06 -31.63 -4.94
C LEU D 167 20.38 -32.35 -6.08
N TYR D 168 20.68 -31.95 -7.32
CA TYR D 168 20.14 -32.63 -8.48
C TYR D 168 20.48 -34.12 -8.47
N TYR D 169 21.75 -34.46 -8.26
CA TYR D 169 22.10 -35.88 -8.27
C TYR D 169 21.47 -36.62 -7.10
N ARG D 170 21.26 -35.92 -5.99
CA ARG D 170 20.61 -36.55 -4.84
C ARG D 170 19.14 -36.85 -5.11
N LEU D 171 18.46 -35.99 -5.88
CA LEU D 171 17.01 -36.12 -6.05
C LEU D 171 16.61 -36.90 -7.31
N ASN D 172 17.42 -36.85 -8.35
CA ASN D 172 17.01 -37.30 -9.68
C ASN D 172 17.49 -38.74 -9.88
N VAL D 173 16.74 -39.67 -9.31
CA VAL D 173 17.09 -41.09 -9.35
C VAL D 173 16.07 -41.87 -10.19
N PHE D 174 14.83 -41.92 -9.74
CA PHE D 174 13.74 -42.52 -10.50
C PHE D 174 12.63 -41.49 -10.63
N PRO D 175 12.84 -40.44 -11.42
CA PRO D 175 11.84 -39.36 -11.49
C PRO D 175 10.53 -39.87 -12.07
N ILE D 176 9.43 -39.48 -11.43
CA ILE D 176 8.10 -39.64 -12.01
C ILE D 176 7.89 -38.51 -13.01
N GLU D 177 7.68 -38.85 -14.27
CA GLU D 177 7.54 -37.87 -15.35
C GLU D 177 6.08 -37.80 -15.75
N MET D 178 5.41 -36.70 -15.38
CA MET D 178 3.99 -36.56 -15.68
C MET D 178 3.79 -36.30 -17.16
N ALA D 179 2.67 -36.82 -17.69
CA ALA D 179 2.37 -36.54 -19.09
C ALA D 179 1.35 -35.43 -19.20
N PRO D 180 1.53 -34.49 -20.11
CA PRO D 180 0.51 -33.46 -20.33
C PRO D 180 -0.77 -34.06 -20.89
N LEU D 181 -1.87 -33.33 -20.68
CA LEU D 181 -3.19 -33.80 -21.08
C LEU D 181 -3.28 -33.99 -22.59
N ARG D 182 -2.53 -33.20 -23.36
CA ARG D 182 -2.55 -33.36 -24.81
C ARG D 182 -2.06 -34.75 -25.25
N GLU D 183 -1.36 -35.48 -24.38
CA GLU D 183 -0.95 -36.85 -24.67
C GLU D 183 -1.92 -37.87 -24.10
N ARG D 184 -3.01 -37.44 -23.47
CA ARG D 184 -3.90 -38.35 -22.74
C ARG D 184 -5.35 -38.10 -23.11
N VAL D 185 -5.62 -37.67 -24.35
CA VAL D 185 -6.98 -37.29 -24.73
C VAL D 185 -7.98 -38.40 -24.39
N GLU D 186 -7.61 -39.66 -24.64
CA GLU D 186 -8.50 -40.78 -24.33
C GLU D 186 -8.82 -40.91 -22.85
N ASP D 187 -8.09 -40.23 -21.96
CA ASP D 187 -8.36 -40.28 -20.53
C ASP D 187 -9.31 -39.18 -20.06
N ILE D 188 -9.63 -38.20 -20.90
CA ILE D 188 -10.33 -37.01 -20.42
C ILE D 188 -11.66 -37.40 -19.77
N ALA D 189 -12.48 -38.20 -20.46
CA ALA D 189 -13.75 -38.64 -19.88
C ALA D 189 -13.54 -39.27 -18.51
N LEU D 190 -12.58 -40.20 -18.41
CA LEU D 190 -12.33 -40.85 -17.13
C LEU D 190 -11.88 -39.81 -16.10
N LEU D 191 -10.98 -38.91 -16.51
CA LEU D 191 -10.55 -37.85 -15.62
C LEU D 191 -11.75 -37.05 -15.10
N LEU D 192 -12.68 -36.70 -15.99
CA LEU D 192 -13.83 -35.90 -15.56
C LEU D 192 -14.59 -36.63 -14.45
N ASN D 193 -14.84 -37.94 -14.65
CA ASN D 193 -15.53 -38.70 -13.60
C ASN D 193 -14.74 -38.63 -12.30
N GLU D 194 -13.43 -38.85 -12.38
CA GLU D 194 -12.62 -38.85 -11.17
C GLU D 194 -12.70 -37.50 -10.50
N LEU D 195 -12.62 -36.42 -11.27
CA LEU D 195 -12.64 -35.11 -10.66
C LEU D 195 -13.98 -34.86 -9.98
N ILE D 196 -15.07 -35.26 -10.64
CA ILE D 196 -16.38 -35.12 -10.00
C ILE D 196 -16.40 -35.91 -8.71
N SER D 197 -15.89 -37.16 -8.76
CA SER D 197 -15.90 -37.98 -7.55
C SER D 197 -15.12 -37.31 -6.43
N ARG D 198 -13.96 -36.74 -6.75
CA ARG D 198 -13.18 -36.07 -5.71
C ARG D 198 -13.97 -34.89 -5.15
N MET D 199 -14.62 -34.13 -6.04
CA MET D 199 -15.43 -33.01 -5.60
C MET D 199 -16.55 -33.47 -4.69
N GLU D 200 -17.20 -34.58 -5.04
CA GLU D 200 -18.27 -35.05 -4.17
C GLU D 200 -17.70 -35.52 -2.84
N HIS D 201 -16.49 -36.10 -2.87
CA HIS D 201 -15.97 -36.70 -1.65
C HIS D 201 -15.66 -35.63 -0.61
N GLU D 202 -15.13 -34.49 -1.06
CA GLU D 202 -14.83 -33.35 -0.20
C GLU D 202 -16.01 -32.41 -0.03
N LYS D 203 -17.21 -32.83 -0.43
CA LYS D 203 -18.45 -32.06 -0.25
C LYS D 203 -18.38 -30.68 -0.89
N ARG D 204 -17.71 -30.58 -2.04
CA ARG D 204 -17.52 -29.29 -2.70
C ARG D 204 -18.55 -29.01 -3.79
N GLY D 205 -19.45 -29.95 -4.05
CA GLY D 205 -20.39 -29.79 -5.15
C GLY D 205 -20.63 -31.07 -5.91
N SER D 206 -21.48 -31.01 -6.92
CA SER D 206 -21.80 -32.19 -7.72
C SER D 206 -22.32 -31.72 -9.07
N ILE D 207 -21.98 -32.46 -10.12
CA ILE D 207 -22.49 -32.20 -11.46
C ILE D 207 -22.51 -33.54 -12.19
N ARG D 208 -23.18 -33.58 -13.34
CA ARG D 208 -23.06 -34.70 -14.27
C ARG D 208 -22.98 -34.14 -15.68
N PHE D 209 -22.05 -34.66 -16.47
CA PHE D 209 -21.94 -34.30 -17.88
C PHE D 209 -22.84 -35.20 -18.73
N ASN D 210 -23.40 -34.63 -19.81
CA ASN D 210 -23.96 -35.50 -20.84
C ASN D 210 -22.89 -35.76 -21.91
N SER D 211 -23.20 -36.68 -22.82
CA SER D 211 -22.18 -37.15 -23.77
C SER D 211 -21.71 -36.04 -24.71
N ALA D 212 -22.60 -35.11 -25.09
CA ALA D 212 -22.19 -34.01 -25.97
C ALA D 212 -21.18 -33.09 -25.29
N ALA D 213 -21.41 -32.77 -24.02
CA ALA D 213 -20.46 -31.94 -23.30
C ALA D 213 -19.13 -32.66 -23.14
N ILE D 214 -19.15 -33.95 -22.80
CA ILE D 214 -17.92 -34.72 -22.69
C ILE D 214 -17.17 -34.68 -24.01
N MET D 215 -17.89 -34.76 -25.13
CA MET D 215 -17.25 -34.75 -26.44
C MET D 215 -16.58 -33.40 -26.70
N SER D 216 -17.28 -32.31 -26.41
CA SER D 216 -16.69 -30.98 -26.59
C SER D 216 -15.42 -30.83 -25.74
N LEU D 217 -15.45 -31.32 -24.49
CA LEU D 217 -14.26 -31.19 -23.65
C LEU D 217 -13.13 -32.08 -24.14
N CYS D 218 -13.44 -33.26 -24.70
CA CYS D 218 -12.39 -34.06 -25.33
C CYS D 218 -11.82 -33.36 -26.53
N ARG D 219 -12.58 -32.46 -27.16
CA ARG D 219 -12.06 -31.69 -28.29
C ARG D 219 -11.25 -30.45 -27.89
N HIS D 220 -11.27 -30.05 -26.62
CA HIS D 220 -10.60 -28.83 -26.18
C HIS D 220 -9.12 -29.10 -25.91
N ASP D 221 -8.31 -28.03 -25.88
CA ASP D 221 -6.86 -28.20 -25.95
C ASP D 221 -6.18 -28.50 -24.60
N TRP D 222 -6.47 -27.73 -23.56
CA TRP D 222 -5.94 -27.92 -22.20
C TRP D 222 -4.43 -27.71 -22.04
N PRO D 223 -3.89 -26.53 -22.39
CA PRO D 223 -2.47 -26.29 -22.08
C PRO D 223 -2.18 -26.29 -20.57
N GLY D 224 -3.16 -25.92 -19.77
CA GLY D 224 -3.01 -25.88 -18.33
C GLY D 224 -3.05 -27.26 -17.71
N ASN D 225 -3.13 -28.24 -18.56
CA ASN D 225 -3.24 -29.60 -18.17
C ASN D 225 -4.41 -30.06 -17.40
N VAL D 226 -4.13 -30.63 -16.31
CA VAL D 226 -5.33 -31.25 -15.77
C VAL D 226 -5.94 -30.16 -14.89
N ARG D 227 -5.10 -29.58 -14.03
CA ARG D 227 -5.55 -28.53 -13.13
C ARG D 227 -6.59 -27.66 -13.83
N GLU D 228 -6.35 -27.39 -15.10
CA GLU D 228 -7.31 -26.62 -15.88
C GLU D 228 -8.65 -27.35 -15.98
N LEU D 229 -8.60 -28.67 -16.18
CA LEU D 229 -9.84 -29.45 -16.22
C LEU D 229 -10.56 -29.42 -14.88
N ALA D 230 -9.78 -29.52 -13.78
CA ALA D 230 -10.36 -29.54 -12.45
C ALA D 230 -10.96 -28.19 -12.08
N ASN D 231 -10.29 -27.11 -12.53
CA ASN D 231 -10.84 -25.77 -12.38
C ASN D 231 -12.18 -25.66 -13.09
N LEU D 232 -12.28 -26.21 -14.32
CA LEU D 232 -13.56 -26.11 -15.02
C LEU D 232 -14.65 -26.91 -14.31
N VAL D 233 -14.29 -28.04 -13.70
CA VAL D 233 -15.27 -28.84 -12.96
C VAL D 233 -15.80 -28.06 -11.74
N GLU D 234 -14.88 -27.43 -11.00
CA GLU D 234 -15.26 -26.53 -9.89
C GLU D 234 -16.17 -25.42 -10.37
N ARG D 235 -15.82 -24.83 -11.50
CA ARG D 235 -16.57 -23.70 -12.02
C ARG D 235 -17.99 -24.12 -12.39
N LEU D 236 -18.12 -25.26 -13.06
CA LEU D 236 -19.45 -25.73 -13.45
C LEU D 236 -20.29 -26.09 -12.23
N ALA D 237 -19.66 -26.67 -11.19
CA ALA D 237 -20.39 -26.98 -9.97
C ALA D 237 -20.85 -25.72 -9.25
N ILE D 238 -20.24 -24.58 -9.53
CA ILE D 238 -20.77 -23.34 -8.96
C ILE D 238 -21.78 -22.68 -9.90
N MET D 239 -21.56 -22.75 -11.21
CA MET D 239 -22.53 -22.25 -12.18
C MET D 239 -23.85 -23.01 -12.09
N HIS D 240 -23.79 -24.32 -11.96
CA HIS D 240 -24.98 -25.17 -12.04
C HIS D 240 -24.89 -26.21 -10.94
N PRO D 241 -25.12 -25.79 -9.69
CA PRO D 241 -24.92 -26.72 -8.57
C PRO D 241 -25.87 -27.91 -8.65
N TYR D 242 -25.29 -29.12 -8.63
CA TYR D 242 -26.01 -30.38 -8.77
C TYR D 242 -26.74 -30.49 -10.10
N GLY D 243 -26.24 -29.78 -11.11
CA GLY D 243 -26.91 -29.71 -12.40
C GLY D 243 -26.33 -30.70 -13.42
N VAL D 244 -27.02 -30.79 -14.54
CA VAL D 244 -26.63 -31.63 -15.68
C VAL D 244 -25.98 -30.71 -16.70
N ILE D 245 -24.76 -31.02 -17.10
CA ILE D 245 -23.96 -30.12 -17.93
C ILE D 245 -24.05 -30.57 -19.39
N GLY D 246 -24.81 -29.83 -20.19
CA GLY D 246 -24.78 -29.97 -21.63
C GLY D 246 -23.82 -28.97 -22.24
N VAL D 247 -23.74 -29.00 -23.57
CA VAL D 247 -22.84 -28.08 -24.26
C VAL D 247 -23.22 -26.64 -23.96
N GLY D 248 -24.52 -26.36 -23.83
CA GLY D 248 -24.94 -25.00 -23.49
C GLY D 248 -24.58 -24.57 -22.08
N GLU D 249 -24.35 -25.52 -21.17
CA GLU D 249 -23.90 -25.19 -19.82
C GLU D 249 -22.40 -24.94 -19.74
N LEU D 250 -21.63 -25.31 -20.74
CA LEU D 250 -20.22 -24.98 -20.75
C LEU D 250 -20.03 -23.50 -21.08
N PRO D 251 -19.01 -22.86 -20.50
CA PRO D 251 -18.59 -21.54 -21.02
C PRO D 251 -18.26 -21.65 -22.51
N LYS D 252 -18.59 -20.58 -23.23
CA LYS D 252 -18.55 -20.59 -24.70
C LYS D 252 -17.24 -21.13 -25.27
N LYS D 253 -16.09 -20.87 -24.63
CA LYS D 253 -14.83 -21.27 -25.26
C LYS D 253 -14.59 -22.78 -25.25
N PHE D 254 -15.30 -23.53 -24.42
CA PHE D 254 -15.14 -24.98 -24.38
C PHE D 254 -16.07 -25.73 -25.32
N ARG D 255 -16.88 -25.01 -26.08
CA ARG D 255 -17.89 -25.62 -26.96
C ARG D 255 -17.25 -25.89 -28.31
N HIS D 256 -17.27 -27.15 -28.74
CA HIS D 256 -16.58 -27.55 -29.97
C HIS D 256 -17.45 -28.49 -30.80
N VAL D 257 -18.70 -28.07 -31.03
CA VAL D 257 -19.62 -28.88 -31.83
C VAL D 257 -19.19 -28.90 -33.30
N ASP D 258 -18.76 -27.76 -33.84
CA ASP D 258 -18.40 -27.67 -35.25
C ASP D 258 -16.90 -27.79 -35.51
N ASP D 259 -16.06 -27.65 -34.49
CA ASP D 259 -14.62 -27.82 -34.69
C ASP D 259 -14.13 -29.04 -33.91
#